data_7BYY
#
_entry.id   7BYY
#
_cell.length_a   70.180
_cell.length_b   45.220
_cell.length_c   120.380
_cell.angle_alpha   90.000
_cell.angle_beta   92.770
_cell.angle_gamma   90.000
#
_symmetry.space_group_name_H-M   'P 1 21 1'
#
loop_
_entity.id
_entity.type
_entity.pdbx_description
1 polymer Acetyltransferase
2 water water
#
_entity_poly.entity_id   1
_entity_poly.type   'polypeptide(L)'
_entity_poly.pdbx_seq_one_letter_code
;MVDKHEEITLPIVLSCNYQSDITYPGQKQFDCGNPVIDKFVRASLKKSVRNSDCAAKALIDRQSGELIGICTFTAYSLEK
QRVSGVLQGSQPSEIGVVRLVMLGVARKYQKRGFDQDLLCDFFEHVKIIHQALPIKGVYLDADPAAINFYARLGFVQLSA
TPNAFGAVPMFLAIQHILAALEHHHHHH
;
_entity_poly.pdbx_strand_id   A,B,C,D
#
# COMPACT_ATOMS: atom_id res chain seq x y z
N THR A 9 42.87 38.24 -15.03
CA THR A 9 42.89 38.47 -13.59
C THR A 9 42.20 37.32 -12.85
N LEU A 10 42.98 36.29 -12.52
CA LEU A 10 42.44 35.13 -11.85
C LEU A 10 42.02 35.48 -10.42
N PRO A 11 40.96 34.86 -9.92
CA PRO A 11 40.54 35.13 -8.54
C PRO A 11 41.58 34.65 -7.54
N ILE A 12 41.64 35.34 -6.41
CA ILE A 12 42.65 35.05 -5.40
C ILE A 12 42.18 33.96 -4.44
N VAL A 13 40.92 34.01 -4.01
CA VAL A 13 40.34 32.97 -3.17
C VAL A 13 39.30 32.22 -3.99
N LEU A 14 39.10 30.96 -3.64
CA LEU A 14 38.17 30.09 -4.34
C LEU A 14 37.14 29.52 -3.37
N SER A 15 35.93 29.33 -3.86
CA SER A 15 34.85 28.70 -3.11
C SER A 15 34.69 27.27 -3.58
N CYS A 16 34.73 26.32 -2.64
CA CYS A 16 34.64 24.91 -2.96
C CYS A 16 33.72 24.21 -1.99
N ASN A 17 32.96 23.25 -2.50
CA ASN A 17 32.29 22.28 -1.64
C ASN A 17 33.34 21.35 -1.05
N TYR A 18 33.47 21.37 0.27
CA TYR A 18 34.57 20.63 0.91
C TYR A 18 34.43 19.14 0.65
N GLN A 19 35.51 18.51 0.20
CA GLN A 19 35.57 17.08 -0.03
C GLN A 19 36.19 16.42 1.19
N SER A 20 35.55 15.35 1.69
CA SER A 20 36.01 14.69 2.91
C SER A 20 37.38 14.05 2.75
N ASP A 21 37.80 13.73 1.52
CA ASP A 21 39.09 13.09 1.30
C ASP A 21 40.21 14.09 1.02
N ILE A 22 39.98 15.38 1.28
CA ILE A 22 40.96 16.43 1.04
C ILE A 22 41.29 17.10 2.37
N THR A 23 42.57 17.41 2.57
CA THR A 23 43.04 18.13 3.75
C THR A 23 43.86 19.33 3.28
N TYR A 24 43.32 20.52 3.48
CA TYR A 24 43.99 21.74 3.07
C TYR A 24 45.04 22.16 4.10
N PRO A 25 46.05 22.93 3.68
CA PRO A 25 46.97 23.53 4.65
C PRO A 25 46.21 24.40 5.65
N GLY A 26 46.56 24.25 6.92
CA GLY A 26 45.88 24.97 7.99
C GLY A 26 44.64 24.30 8.51
N GLN A 27 44.13 23.26 7.85
CA GLN A 27 42.91 22.61 8.30
C GLN A 27 43.12 21.87 9.61
N LYS A 28 44.31 21.27 9.80
CA LYS A 28 44.57 20.48 11.00
C LYS A 28 44.68 21.34 12.25
N GLN A 29 44.89 22.65 12.11
CA GLN A 29 44.88 23.55 13.26
C GLN A 29 43.78 24.60 13.15
N PHE A 30 43.77 25.42 12.10
CA PHE A 30 42.67 26.35 11.80
C PHE A 30 42.25 27.16 13.04
N ASP A 31 43.15 28.05 13.44
CA ASP A 31 42.83 28.98 14.53
C ASP A 31 41.89 30.06 13.99
N CYS A 32 40.64 30.03 14.46
CA CYS A 32 39.63 30.98 13.99
C CYS A 32 39.01 31.82 15.10
N GLY A 33 39.37 31.60 16.36
CA GLY A 33 38.84 32.37 17.47
C GLY A 33 37.68 31.73 18.19
N ASN A 34 37.02 30.76 17.58
CA ASN A 34 35.94 30.01 18.22
C ASN A 34 36.45 28.62 18.56
N PRO A 35 36.73 28.32 19.83
CA PRO A 35 37.33 27.01 20.16
C PRO A 35 36.44 25.84 19.78
N VAL A 36 35.13 25.97 19.86
CA VAL A 36 34.23 24.89 19.44
C VAL A 36 34.38 24.63 17.95
N ILE A 37 34.33 25.70 17.14
CA ILE A 37 34.52 25.55 15.71
C ILE A 37 35.93 25.06 15.39
N ASP A 38 36.91 25.50 16.18
CA ASP A 38 38.28 25.06 15.98
C ASP A 38 38.41 23.54 16.08
N LYS A 39 37.94 22.98 17.20
CA LYS A 39 38.05 21.53 17.40
C LYS A 39 37.20 20.75 16.41
N PHE A 40 36.13 21.34 15.87
CA PHE A 40 35.31 20.63 14.89
C PHE A 40 36.06 20.42 13.59
N VAL A 41 36.65 21.49 13.05
CA VAL A 41 37.34 21.39 11.78
C VAL A 41 38.57 20.50 11.90
N ARG A 42 39.31 20.62 13.01
CA ARG A 42 40.53 19.84 13.14
C ARG A 42 40.26 18.35 13.19
N ALA A 43 39.27 17.93 13.97
CA ALA A 43 39.08 16.52 14.29
C ALA A 43 37.82 15.89 13.71
N SER A 44 36.74 16.66 13.51
CA SER A 44 35.45 16.07 13.19
C SER A 44 34.89 16.46 11.83
N LEU A 45 35.57 17.32 11.08
CA LEU A 45 35.00 17.81 9.83
C LEU A 45 34.87 16.70 8.80
N LYS A 46 35.89 15.85 8.68
CA LYS A 46 35.90 14.81 7.65
C LYS A 46 34.77 13.81 7.85
N LYS A 47 34.56 13.38 9.10
CA LYS A 47 33.58 12.32 9.35
C LYS A 47 32.15 12.83 9.34
N SER A 48 31.95 14.13 9.63
CA SER A 48 30.60 14.66 9.61
C SER A 48 30.01 14.62 8.21
N VAL A 49 30.75 15.13 7.22
CA VAL A 49 30.22 15.13 5.85
C VAL A 49 30.30 13.75 5.22
N ARG A 50 31.17 12.87 5.71
CA ARG A 50 31.16 11.49 5.24
C ARG A 50 29.87 10.79 5.64
N ASN A 51 29.47 10.94 6.90
CA ASN A 51 28.15 10.52 7.33
C ASN A 51 27.04 11.30 6.63
N SER A 52 27.39 12.41 5.99
CA SER A 52 26.41 13.37 5.49
C SER A 52 25.57 13.93 6.65
N ASP A 53 26.25 14.22 7.75
CA ASP A 53 25.64 14.99 8.84
C ASP A 53 25.46 16.44 8.47
N CYS A 54 26.21 16.93 7.48
CA CYS A 54 26.17 18.33 7.06
C CYS A 54 26.89 18.44 5.73
N ALA A 55 26.70 19.58 5.07
CA ALA A 55 27.51 19.99 3.94
C ALA A 55 28.42 21.14 4.36
N ALA A 56 29.56 21.25 3.69
CA ALA A 56 30.57 22.24 4.06
C ALA A 56 30.97 23.07 2.85
N LYS A 57 31.09 24.37 3.05
CA LYS A 57 31.61 25.30 2.06
C LYS A 57 32.96 25.83 2.55
N ALA A 58 33.97 25.77 1.68
CA ALA A 58 35.33 26.13 2.04
C ALA A 58 35.78 27.36 1.26
N LEU A 59 36.65 28.15 1.90
CA LEU A 59 37.34 29.26 1.25
C LEU A 59 38.82 28.92 1.20
N ILE A 60 39.32 28.63 0.01
CA ILE A 60 40.69 28.19 -0.20
C ILE A 60 41.46 29.30 -0.91
N ASP A 61 42.71 29.51 -0.50
CA ASP A 61 43.60 30.42 -1.21
C ASP A 61 44.12 29.70 -2.45
N ARG A 62 43.93 30.31 -3.62
CA ARG A 62 44.35 29.65 -4.85
C ARG A 62 45.86 29.47 -4.89
N GLN A 63 46.62 30.40 -4.31
CA GLN A 63 48.08 30.33 -4.39
C GLN A 63 48.63 29.28 -3.43
N SER A 64 48.31 29.41 -2.14
CA SER A 64 48.90 28.57 -1.11
C SER A 64 48.05 27.36 -0.75
N GLY A 65 46.75 27.36 -1.05
CA GLY A 65 45.89 26.27 -0.70
C GLY A 65 45.34 26.30 0.71
N GLU A 66 45.68 27.33 1.49
CA GLU A 66 45.33 27.38 2.90
C GLU A 66 43.82 27.51 3.10
N LEU A 67 43.33 26.95 4.20
CA LEU A 67 41.91 26.99 4.54
C LEU A 67 41.63 28.33 5.20
N ILE A 68 41.00 29.23 4.45
CA ILE A 68 40.70 30.57 4.97
C ILE A 68 39.46 30.54 5.84
N GLY A 69 38.39 29.93 5.36
CA GLY A 69 37.17 29.84 6.12
C GLY A 69 36.43 28.54 5.85
N ILE A 70 35.51 28.23 6.76
CA ILE A 70 34.67 27.04 6.64
C ILE A 70 33.23 27.45 6.95
N CYS A 71 32.31 26.62 6.48
CA CYS A 71 30.89 26.92 6.65
C CYS A 71 30.10 25.62 6.51
N THR A 72 29.52 25.13 7.60
CA THR A 72 28.76 23.89 7.60
C THR A 72 27.29 24.18 7.85
N PHE A 73 26.43 23.35 7.22
CA PHE A 73 25.01 23.59 7.27
C PHE A 73 24.28 22.26 7.07
N THR A 74 23.08 22.16 7.63
CA THR A 74 22.25 20.97 7.56
C THR A 74 20.82 21.36 7.19
N ALA A 75 19.95 20.37 7.09
CA ALA A 75 18.52 20.61 6.95
C ALA A 75 17.87 20.65 8.33
N TYR A 76 16.83 21.47 8.45
CA TYR A 76 16.26 21.74 9.76
C TYR A 76 14.82 22.21 9.58
N SER A 77 14.02 22.02 10.63
CA SER A 77 12.63 22.43 10.62
C SER A 77 12.28 23.07 11.95
N LEU A 78 11.45 24.11 11.90
CA LEU A 78 11.04 24.87 13.08
C LEU A 78 9.52 24.97 13.11
N GLU A 79 8.98 25.11 14.33
CA GLU A 79 7.57 25.40 14.50
C GLU A 79 7.31 26.87 14.17
N LYS A 80 6.08 27.14 13.73
CA LYS A 80 5.72 28.51 13.35
C LYS A 80 5.78 29.49 14.51
N GLN A 81 5.77 29.00 15.75
CA GLN A 81 5.77 29.91 16.90
C GLN A 81 7.11 30.62 17.05
N ARG A 82 8.22 29.90 16.83
CA ARG A 82 9.55 30.47 17.02
C ARG A 82 9.89 31.53 15.98
N VAL A 83 9.06 31.72 14.98
CA VAL A 83 9.33 32.66 13.89
C VAL A 83 8.25 33.72 13.75
N SER A 84 7.05 33.50 14.31
CA SER A 84 5.97 34.49 14.31
C SER A 84 6.49 35.87 14.68
N GLY A 85 6.18 36.85 13.84
CA GLY A 85 6.81 38.15 13.90
C GLY A 85 7.86 38.38 12.84
N VAL A 86 8.29 37.32 12.14
CA VAL A 86 9.27 37.43 11.06
C VAL A 86 8.70 36.89 9.75
N LEU A 87 8.10 35.71 9.77
CA LEU A 87 7.47 35.15 8.57
C LEU A 87 6.03 35.65 8.53
N GLN A 88 5.74 36.59 7.64
CA GLN A 88 4.42 37.20 7.62
C GLN A 88 3.49 36.40 6.72
N GLY A 89 2.19 36.56 6.98
CA GLY A 89 1.21 35.84 6.22
C GLY A 89 0.95 34.47 6.80
N SER A 90 0.03 33.76 6.16
CA SER A 90 -0.31 32.42 6.58
C SER A 90 0.86 31.48 6.34
N GLN A 91 1.24 30.73 7.37
CA GLN A 91 2.37 29.82 7.31
C GLN A 91 1.99 28.47 7.91
N PRO A 92 2.58 27.39 7.40
CA PRO A 92 2.25 26.06 7.92
C PRO A 92 2.80 25.85 9.33
N SER A 93 2.27 24.81 9.97
CA SER A 93 2.66 24.51 11.35
C SER A 93 4.15 24.18 11.46
N GLU A 94 4.72 23.54 10.44
CA GLU A 94 6.14 23.22 10.40
C GLU A 94 6.80 24.04 9.31
N ILE A 95 7.94 24.64 9.63
CA ILE A 95 8.65 25.54 8.73
C ILE A 95 9.99 24.90 8.40
N GLY A 96 10.17 24.52 7.13
CA GLY A 96 11.44 23.95 6.69
C GLY A 96 12.41 25.03 6.31
N VAL A 97 13.62 24.95 6.86
CA VAL A 97 14.68 25.94 6.62
C VAL A 97 16.01 25.21 6.48
N VAL A 98 17.02 25.95 6.05
CA VAL A 98 18.40 25.50 6.07
C VAL A 98 19.08 26.13 7.28
N ARG A 99 19.64 25.31 8.15
CA ARG A 99 20.30 25.82 9.35
C ARG A 99 21.78 26.01 9.09
N LEU A 100 22.28 27.20 9.41
CA LEU A 100 23.71 27.49 9.41
C LEU A 100 24.24 27.16 10.80
N VAL A 101 25.05 26.10 10.90
CA VAL A 101 25.52 25.64 12.20
C VAL A 101 26.92 26.13 12.54
N MET A 102 27.71 26.53 11.55
CA MET A 102 29.07 26.98 11.82
C MET A 102 29.55 27.82 10.65
N LEU A 103 30.25 28.91 10.97
CA LEU A 103 30.96 29.68 9.95
C LEU A 103 32.10 30.40 10.64
N GLY A 104 33.32 29.99 10.35
CA GLY A 104 34.49 30.59 10.95
C GLY A 104 35.52 30.95 9.91
N VAL A 105 36.18 32.08 10.13
CA VAL A 105 37.30 32.54 9.30
C VAL A 105 38.57 32.46 10.13
N ALA A 106 39.61 31.86 9.57
CA ALA A 106 40.88 31.77 10.27
C ALA A 106 41.36 33.16 10.68
N ARG A 107 42.02 33.22 11.84
CA ARG A 107 42.30 34.51 12.47
C ARG A 107 43.25 35.36 11.63
N LYS A 108 44.20 34.73 10.95
CA LYS A 108 45.15 35.51 10.14
C LYS A 108 44.54 36.02 8.84
N TYR A 109 43.26 35.74 8.57
CA TYR A 109 42.53 36.33 7.47
C TYR A 109 41.36 37.18 7.91
N GLN A 110 41.11 37.30 9.21
CA GLN A 110 39.97 38.05 9.70
C GLN A 110 40.17 39.55 9.43
N LYS A 111 39.10 40.31 9.70
CA LYS A 111 39.08 41.76 9.48
C LYS A 111 39.37 42.12 8.02
N ARG A 112 38.99 41.23 7.09
CA ARG A 112 39.28 41.47 5.68
C ARG A 112 38.09 41.16 4.77
N GLY A 113 36.90 40.95 5.30
CA GLY A 113 35.72 40.72 4.50
C GLY A 113 35.48 39.29 4.09
N PHE A 114 36.39 38.37 4.41
CA PHE A 114 36.15 36.96 4.12
C PHE A 114 35.02 36.38 4.96
N ASP A 115 34.65 37.07 6.04
CA ASP A 115 33.43 36.71 6.77
C ASP A 115 32.21 36.73 5.85
N GLN A 116 32.08 37.79 5.05
CA GLN A 116 30.91 37.96 4.19
C GLN A 116 31.04 37.21 2.87
N ASP A 117 32.27 37.08 2.35
CA ASP A 117 32.46 36.34 1.11
C ASP A 117 31.99 34.90 1.25
N LEU A 118 32.20 34.29 2.42
CA LEU A 118 31.69 32.96 2.66
C LEU A 118 30.18 32.94 2.80
N LEU A 119 29.60 34.00 3.36
CA LEU A 119 28.15 34.04 3.51
C LEU A 119 27.45 34.21 2.17
N CYS A 120 28.02 35.01 1.27
CA CYS A 120 27.42 35.16 -0.05
C CYS A 120 27.61 33.90 -0.89
N ASP A 121 28.72 33.18 -0.70
CA ASP A 121 28.86 31.89 -1.36
C ASP A 121 27.91 30.87 -0.75
N PHE A 122 27.60 30.99 0.53
CA PHE A 122 26.61 30.13 1.16
C PHE A 122 25.20 30.50 0.70
N PHE A 123 24.94 31.80 0.53
CA PHE A 123 23.64 32.22 0.01
C PHE A 123 23.40 31.69 -1.40
N GLU A 124 24.44 31.68 -2.23
CA GLU A 124 24.30 31.13 -3.57
C GLU A 124 24.00 29.64 -3.53
N HIS A 125 24.56 28.93 -2.55
CA HIS A 125 24.25 27.51 -2.40
C HIS A 125 22.84 27.30 -1.86
N VAL A 126 22.38 28.19 -0.98
CA VAL A 126 21.01 28.12 -0.49
C VAL A 126 20.02 28.29 -1.64
N LYS A 127 20.35 29.17 -2.59
CA LYS A 127 19.49 29.33 -3.76
C LYS A 127 19.37 28.03 -4.53
N ILE A 128 20.49 27.32 -4.70
CA ILE A 128 20.46 26.01 -5.34
C ILE A 128 19.54 25.07 -4.57
N ILE A 129 19.70 25.04 -3.25
CA ILE A 129 18.89 24.16 -2.42
C ILE A 129 17.41 24.52 -2.56
N HIS A 130 17.11 25.81 -2.64
CA HIS A 130 15.72 26.26 -2.68
C HIS A 130 15.01 25.81 -3.95
N GLN A 131 15.73 25.69 -5.06
CA GLN A 131 15.09 25.31 -6.31
C GLN A 131 14.76 23.82 -6.36
N ALA A 132 15.53 22.99 -5.66
CA ALA A 132 15.22 21.58 -5.57
C ALA A 132 14.25 21.28 -4.43
N LEU A 133 14.39 21.97 -3.30
CA LEU A 133 13.54 21.78 -2.14
C LEU A 133 13.21 23.14 -1.53
N PRO A 134 11.94 23.55 -1.54
CA PRO A 134 11.59 24.87 -1.02
C PRO A 134 11.84 24.97 0.47
N ILE A 135 12.43 26.10 0.87
CA ILE A 135 12.67 26.40 2.28
C ILE A 135 12.23 27.84 2.54
N LYS A 136 11.94 28.13 3.79
CA LYS A 136 11.47 29.46 4.16
C LYS A 136 12.61 30.44 4.42
N GLY A 137 13.80 29.96 4.76
CA GLY A 137 14.91 30.85 5.01
C GLY A 137 16.07 30.09 5.63
N VAL A 138 16.91 30.83 6.36
CA VAL A 138 18.08 30.27 7.02
C VAL A 138 18.00 30.59 8.50
N TYR A 139 18.18 29.57 9.33
CA TYR A 139 18.18 29.69 10.77
C TYR A 139 19.58 29.45 11.30
N LEU A 140 19.94 30.13 12.39
CA LEU A 140 21.24 29.92 13.01
C LEU A 140 21.16 30.29 14.49
N ASP A 141 22.18 29.86 15.23
CA ASP A 141 22.32 30.14 16.65
C ASP A 141 23.65 30.89 16.81
N ALA A 142 23.58 32.21 16.91
CA ALA A 142 24.76 33.06 16.79
C ALA A 142 25.47 33.21 18.14
N ASP A 143 26.77 32.98 18.14
CA ASP A 143 27.59 33.29 19.29
C ASP A 143 27.57 34.80 19.53
N PRO A 144 27.61 35.26 20.79
CA PRO A 144 27.60 36.72 21.04
C PRO A 144 28.66 37.49 20.28
N ALA A 145 29.83 36.89 20.02
CA ALA A 145 30.86 37.54 19.24
C ALA A 145 30.52 37.63 17.76
N ALA A 146 29.34 37.17 17.35
CA ALA A 146 28.98 37.19 15.93
C ALA A 146 27.54 37.64 15.68
N ILE A 147 26.82 38.08 16.71
CA ILE A 147 25.43 38.53 16.52
C ILE A 147 25.39 39.74 15.59
N ASN A 148 26.30 40.69 15.80
CA ASN A 148 26.30 41.90 14.98
C ASN A 148 26.62 41.59 13.52
N PHE A 149 27.42 40.55 13.26
CA PHE A 149 27.76 40.20 11.90
C PHE A 149 26.53 39.74 11.12
N TYR A 150 25.85 38.70 11.62
CA TYR A 150 24.66 38.20 10.93
C TYR A 150 23.54 39.24 10.91
N ALA A 151 23.42 40.03 11.98
CA ALA A 151 22.43 41.10 12.00
C ALA A 151 22.76 42.16 10.95
N ARG A 152 24.04 42.40 10.70
CA ARG A 152 24.43 43.39 9.70
C ARG A 152 24.18 42.93 8.27
N LEU A 153 23.79 41.67 8.06
CA LEU A 153 23.56 41.15 6.73
C LEU A 153 22.17 40.55 6.59
N GLY A 154 21.22 41.01 7.40
CA GLY A 154 19.81 40.72 7.22
C GLY A 154 19.16 39.95 8.34
N PHE A 155 19.93 39.15 9.07
CA PHE A 155 19.36 38.26 10.08
C PHE A 155 18.73 39.07 11.20
N VAL A 156 17.52 38.66 11.60
CA VAL A 156 16.79 39.28 12.70
C VAL A 156 16.82 38.33 13.89
N GLN A 157 17.16 38.85 15.07
CA GLN A 157 17.23 38.02 16.25
C GLN A 157 15.83 37.69 16.75
N LEU A 158 15.62 36.43 17.12
CA LEU A 158 14.31 35.95 17.55
C LEU A 158 14.13 35.99 19.06
N SER A 159 15.20 35.92 19.84
CA SER A 159 15.11 35.89 21.29
C SER A 159 16.45 36.29 21.88
N ALA A 160 16.41 36.82 23.10
CA ALA A 160 17.61 37.18 23.82
C ALA A 160 18.10 36.07 24.75
N THR A 161 17.46 34.90 24.71
CA THR A 161 17.85 33.80 25.61
C THR A 161 18.71 32.77 24.87
N PRO A 162 19.98 32.57 25.30
CA PRO A 162 20.87 31.59 24.68
C PRO A 162 20.47 30.16 25.07
N ASN A 163 20.50 29.23 24.10
CA ASN A 163 20.14 27.82 24.41
C ASN A 163 21.38 26.93 24.28
N ALA A 164 21.80 26.34 25.41
CA ALA A 164 22.93 25.38 25.59
C ALA A 164 24.31 26.06 25.54
N PHE A 165 24.31 27.31 25.06
CA PHE A 165 25.49 28.19 24.89
C PHE A 165 24.99 29.63 24.66
N GLY A 166 25.90 30.61 24.71
CA GLY A 166 25.52 32.02 24.51
C GLY A 166 24.69 32.20 23.24
N ALA A 167 24.81 31.27 22.30
CA ALA A 167 24.12 31.39 21.00
C ALA A 167 22.63 31.75 21.15
N VAL A 168 22.17 32.65 20.30
CA VAL A 168 20.81 33.17 20.21
C VAL A 168 20.23 32.81 18.85
N PRO A 169 18.92 32.55 18.75
CA PRO A 169 18.35 32.22 17.44
C PRO A 169 18.20 33.44 16.55
N MET A 170 18.58 33.28 15.29
CA MET A 170 18.46 34.33 14.29
C MET A 170 17.90 33.71 13.00
N PHE A 171 17.18 34.52 12.23
CA PHE A 171 16.48 34.04 11.05
C PHE A 171 16.59 35.06 9.93
N LEU A 172 16.65 34.54 8.70
CA LEU A 172 16.69 35.38 7.50
C LEU A 172 15.82 34.70 6.44
N ALA A 173 14.72 35.34 6.07
CA ALA A 173 13.77 34.75 5.13
C ALA A 173 14.42 34.58 3.76
N ILE A 174 13.87 33.64 2.99
CA ILE A 174 14.44 33.31 1.68
C ILE A 174 14.25 34.47 0.69
N GLN A 175 13.17 35.24 0.85
CA GLN A 175 12.93 36.36 -0.06
C GLN A 175 14.07 37.36 -0.03
N HIS A 176 14.63 37.62 1.16
CA HIS A 176 15.72 38.57 1.28
C HIS A 176 17.04 37.98 0.78
N ILE A 177 17.21 36.66 0.86
CA ILE A 177 18.43 36.05 0.34
C ILE A 177 18.45 36.12 -1.18
N LEU A 178 17.32 35.83 -1.82
CA LEU A 178 17.25 35.91 -3.28
C LEU A 178 17.46 37.34 -3.76
N ALA A 179 16.80 38.31 -3.11
CA ALA A 179 16.96 39.71 -3.52
C ALA A 179 18.39 40.18 -3.34
N ALA A 180 19.09 39.69 -2.31
CA ALA A 180 20.50 40.02 -2.15
C ALA A 180 21.35 39.37 -3.24
N LEU A 181 20.94 38.19 -3.70
CA LEU A 181 21.74 37.47 -4.70
C LEU A 181 21.64 38.13 -6.07
N GLU A 182 20.42 38.43 -6.53
CA GLU A 182 20.30 39.00 -7.86
C GLU A 182 20.77 40.44 -7.92
N HIS A 183 20.94 41.10 -6.77
CA HIS A 183 21.47 42.47 -6.77
C HIS A 183 22.90 42.51 -7.28
N HIS A 184 23.69 41.67 -6.62
CA HIS A 184 25.13 41.35 -6.74
C HIS A 184 25.42 40.91 -8.17
N HIS A 185 24.48 40.16 -8.73
CA HIS A 185 24.60 39.53 -10.03
C HIS A 185 24.18 40.49 -11.15
N HIS A 186 23.22 41.38 -10.87
CA HIS A 186 22.80 42.38 -11.84
C HIS A 186 23.77 43.54 -11.96
N HIS A 187 24.60 43.76 -10.93
CA HIS A 187 25.54 44.87 -10.95
C HIS A 187 26.63 44.64 -12.00
N HIS A 188 27.23 43.45 -12.00
CA HIS A 188 28.35 43.18 -12.88
C HIS A 188 28.24 41.80 -13.52
N LEU B 10 -2.27 3.64 -21.35
CA LEU B 10 -3.18 4.27 -22.35
C LEU B 10 -2.64 5.64 -22.73
N PRO B 11 -2.18 6.46 -21.77
CA PRO B 11 -1.70 7.78 -22.11
C PRO B 11 -0.18 7.94 -22.08
N ILE B 12 0.32 8.96 -22.77
CA ILE B 12 1.76 9.33 -22.80
C ILE B 12 1.92 10.19 -21.56
N VAL B 13 2.69 9.73 -20.59
CA VAL B 13 2.83 10.41 -19.28
C VAL B 13 4.01 11.37 -19.31
N LEU B 14 3.80 12.55 -18.78
CA LEU B 14 4.86 13.56 -18.72
C LEU B 14 5.27 13.73 -17.26
N SER B 15 6.53 13.47 -16.97
CA SER B 15 7.07 13.68 -15.63
C SER B 15 7.31 15.17 -15.41
N CYS B 16 6.62 15.75 -14.43
CA CYS B 16 6.51 17.19 -14.30
C CYS B 16 6.85 17.65 -12.89
N ASN B 17 7.43 18.84 -12.79
CA ASN B 17 7.47 19.58 -11.55
C ASN B 17 6.28 20.52 -11.52
N TYR B 18 5.41 20.37 -10.52
CA TYR B 18 4.18 21.14 -10.49
C TYR B 18 4.47 22.63 -10.38
N GLN B 19 4.03 23.38 -11.38
CA GLN B 19 4.21 24.82 -11.42
C GLN B 19 2.85 25.50 -11.28
N SER B 20 2.78 26.50 -10.41
CA SER B 20 1.50 27.12 -10.06
C SER B 20 0.96 28.04 -11.15
N ASP B 21 1.77 28.39 -12.15
CA ASP B 21 1.29 29.23 -13.24
C ASP B 21 0.50 28.44 -14.28
N ILE B 22 0.72 27.14 -14.39
CA ILE B 22 0.04 26.31 -15.38
C ILE B 22 -1.33 25.92 -14.84
N THR B 23 -2.34 26.03 -15.70
CA THR B 23 -3.67 25.53 -15.37
C THR B 23 -3.79 24.09 -15.84
N TYR B 24 -4.26 23.22 -14.96
CA TYR B 24 -4.36 21.79 -15.26
C TYR B 24 -5.81 21.41 -15.42
N PRO B 25 -6.22 20.94 -16.60
CA PRO B 25 -7.64 20.61 -16.81
C PRO B 25 -8.11 19.53 -15.85
N GLY B 26 -9.29 19.75 -15.27
CA GLY B 26 -9.87 18.81 -14.34
C GLY B 26 -9.25 18.78 -12.96
N GLN B 27 -8.25 19.63 -12.70
CA GLN B 27 -7.62 19.65 -11.38
C GLN B 27 -8.63 19.97 -10.29
N LYS B 28 -9.65 20.78 -10.61
CA LYS B 28 -10.66 21.14 -9.63
C LYS B 28 -11.63 20.01 -9.34
N GLN B 29 -11.48 18.84 -9.98
CA GLN B 29 -12.27 17.67 -9.61
C GLN B 29 -11.40 16.56 -9.03
N PHE B 30 -10.42 16.07 -9.79
CA PHE B 30 -9.32 15.24 -9.29
C PHE B 30 -9.75 14.23 -8.22
N ASP B 31 -10.59 13.30 -8.63
CA ASP B 31 -10.92 12.18 -7.74
C ASP B 31 -9.75 11.22 -7.66
N CYS B 32 -9.29 10.93 -6.44
CA CYS B 32 -8.17 10.01 -6.25
C CYS B 32 -8.43 9.00 -5.14
N GLY B 33 -9.63 8.95 -4.58
CA GLY B 33 -9.93 8.04 -3.50
C GLY B 33 -9.78 8.65 -2.12
N ASN B 34 -8.59 9.19 -1.82
CA ASN B 34 -8.37 9.85 -0.54
C ASN B 34 -8.95 11.25 -0.58
N PRO B 35 -9.99 11.53 0.22
CA PRO B 35 -10.64 12.85 0.14
C PRO B 35 -9.81 13.97 0.73
N VAL B 36 -9.00 13.70 1.75
CA VAL B 36 -8.11 14.72 2.30
C VAL B 36 -7.11 15.17 1.25
N ILE B 37 -6.55 14.22 0.50
CA ILE B 37 -5.58 14.55 -0.53
C ILE B 37 -6.27 15.22 -1.72
N ASP B 38 -7.55 14.87 -1.96
CA ASP B 38 -8.30 15.49 -3.06
C ASP B 38 -8.44 16.99 -2.86
N LYS B 39 -9.11 17.40 -1.78
CA LYS B 39 -9.42 18.81 -1.57
C LYS B 39 -8.16 19.67 -1.43
N PHE B 40 -7.02 19.07 -1.08
CA PHE B 40 -5.78 19.83 -1.07
C PHE B 40 -5.34 20.18 -2.49
N VAL B 41 -5.50 19.24 -3.42
CA VAL B 41 -5.14 19.48 -4.80
C VAL B 41 -6.07 20.51 -5.44
N ARG B 42 -7.33 20.54 -5.02
CA ARG B 42 -8.32 21.39 -5.68
C ARG B 42 -8.10 22.86 -5.37
N ALA B 43 -7.75 23.19 -4.14
CA ALA B 43 -7.70 24.60 -3.75
C ALA B 43 -6.37 25.04 -3.16
N SER B 44 -5.69 24.16 -2.44
CA SER B 44 -4.54 24.60 -1.64
C SER B 44 -3.21 24.44 -2.35
N LEU B 45 -3.04 23.38 -3.15
CA LEU B 45 -1.73 23.04 -3.68
C LEU B 45 -1.17 24.16 -4.56
N LYS B 46 -2.01 24.73 -5.43
CA LYS B 46 -1.54 25.80 -6.31
C LYS B 46 -1.00 26.98 -5.50
N LYS B 47 -1.72 27.38 -4.45
CA LYS B 47 -1.20 28.44 -3.58
C LYS B 47 -0.04 27.93 -2.73
N SER B 48 -0.02 26.64 -2.43
CA SER B 48 0.99 26.09 -1.54
C SER B 48 2.38 26.19 -2.15
N VAL B 49 2.50 25.96 -3.45
CA VAL B 49 3.82 26.03 -4.08
C VAL B 49 4.19 27.45 -4.48
N ARG B 50 3.21 28.33 -4.70
CA ARG B 50 3.51 29.74 -4.92
C ARG B 50 4.09 30.36 -3.66
N ASN B 51 3.45 30.12 -2.52
CA ASN B 51 4.01 30.48 -1.23
C ASN B 51 5.17 29.58 -0.82
N SER B 52 5.48 28.57 -1.64
CA SER B 52 6.61 27.66 -1.42
C SER B 52 6.52 26.98 -0.05
N ASP B 53 5.33 26.49 0.28
CA ASP B 53 5.16 25.66 1.46
C ASP B 53 5.55 24.21 1.21
N CYS B 54 5.80 23.84 -0.05
CA CYS B 54 6.18 22.49 -0.44
C CYS B 54 6.53 22.52 -1.92
N ALA B 55 7.23 21.47 -2.37
CA ALA B 55 7.37 21.19 -3.77
C ALA B 55 6.48 20.01 -4.14
N ALA B 56 6.13 19.92 -5.42
CA ALA B 56 5.26 18.86 -5.89
C ALA B 56 5.75 18.36 -7.23
N LYS B 57 6.04 17.06 -7.29
CA LYS B 57 6.30 16.40 -8.57
C LYS B 57 4.99 15.81 -9.08
N ALA B 58 4.76 15.93 -10.38
CA ALA B 58 3.51 15.53 -10.97
C ALA B 58 3.74 14.71 -12.23
N LEU B 59 2.77 13.85 -12.54
CA LEU B 59 2.65 13.21 -13.84
C LEU B 59 1.47 13.82 -14.58
N ILE B 60 1.68 14.17 -15.84
CA ILE B 60 0.68 14.86 -16.64
C ILE B 60 0.32 13.97 -17.82
N ASP B 61 -0.98 13.75 -18.01
CA ASP B 61 -1.49 13.20 -19.26
C ASP B 61 -1.07 14.13 -20.38
N ARG B 62 -0.18 13.68 -21.27
CA ARG B 62 0.41 14.59 -22.24
C ARG B 62 -0.60 14.98 -23.32
N GLN B 63 -1.48 14.06 -23.72
CA GLN B 63 -2.44 14.38 -24.76
C GLN B 63 -3.56 15.29 -24.29
N SER B 64 -3.74 15.45 -22.98
CA SER B 64 -4.82 16.26 -22.44
C SER B 64 -4.41 17.26 -21.36
N GLY B 65 -3.15 17.25 -20.92
CA GLY B 65 -2.71 18.13 -19.87
C GLY B 65 -3.31 17.85 -18.50
N GLU B 66 -4.11 16.79 -18.37
CA GLU B 66 -4.77 16.49 -17.11
C GLU B 66 -3.78 15.91 -16.10
N LEU B 67 -3.91 16.34 -14.85
CA LEU B 67 -3.06 15.83 -13.79
C LEU B 67 -3.38 14.36 -13.53
N ILE B 68 -2.34 13.53 -13.52
CA ILE B 68 -2.49 12.09 -13.30
C ILE B 68 -2.14 11.72 -11.86
N GLY B 69 -1.03 12.22 -11.35
CA GLY B 69 -0.61 11.92 -9.99
C GLY B 69 0.09 13.10 -9.37
N ILE B 70 -0.02 13.19 -8.05
CA ILE B 70 0.58 14.27 -7.27
C ILE B 70 1.51 13.65 -6.24
N CYS B 71 2.57 14.40 -5.89
CA CYS B 71 3.53 13.93 -4.90
C CYS B 71 4.18 15.16 -4.25
N THR B 72 3.69 15.52 -3.07
CA THR B 72 4.15 16.71 -2.36
C THR B 72 5.21 16.34 -1.33
N PHE B 73 6.24 17.16 -1.21
CA PHE B 73 7.30 16.90 -0.26
C PHE B 73 7.85 18.22 0.26
N THR B 74 8.50 18.16 1.42
CA THR B 74 8.98 19.36 2.09
C THR B 74 10.25 19.04 2.87
N ALA B 75 10.96 20.11 3.24
CA ALA B 75 12.10 20.00 4.13
C ALA B 75 11.61 19.81 5.55
N TYR B 76 12.18 18.83 6.25
CA TYR B 76 11.69 18.43 7.57
C TYR B 76 12.87 18.02 8.43
N SER B 77 12.59 17.76 9.71
CA SER B 77 13.61 17.32 10.63
C SER B 77 12.95 16.51 11.74
N LEU B 78 13.63 15.45 12.17
CA LEU B 78 13.15 14.60 13.25
C LEU B 78 14.20 14.53 14.35
N GLU B 79 13.77 14.03 15.50
CA GLU B 79 14.66 13.81 16.62
C GLU B 79 15.30 12.43 16.52
N LYS B 80 16.48 12.29 17.12
CA LYS B 80 17.17 11.01 17.13
C LYS B 80 16.32 9.91 17.75
N GLN B 81 15.40 10.26 18.66
CA GLN B 81 14.54 9.26 19.26
C GLN B 81 13.77 8.46 18.21
N ARG B 82 13.20 9.14 17.23
CA ARG B 82 12.21 8.52 16.36
C ARG B 82 12.79 7.54 15.36
N VAL B 83 14.07 7.67 15.02
CA VAL B 83 14.72 6.77 14.05
C VAL B 83 15.74 5.92 14.77
N SER B 84 15.52 5.68 16.06
CA SER B 84 16.39 4.80 16.81
C SER B 84 16.10 3.35 16.43
N GLY B 85 17.16 2.56 16.29
CA GLY B 85 17.05 1.18 15.88
C GLY B 85 16.98 0.95 14.39
N VAL B 86 16.81 2.01 13.59
CA VAL B 86 16.77 1.91 12.13
C VAL B 86 18.02 2.51 11.50
N LEU B 87 18.39 3.71 11.92
CA LEU B 87 19.62 4.33 11.44
C LEU B 87 20.77 3.88 12.32
N GLN B 88 21.84 3.42 11.67
CA GLN B 88 22.96 2.81 12.36
C GLN B 88 24.04 3.85 12.66
N GLY B 89 24.75 3.61 13.77
CA GLY B 89 25.88 4.44 14.12
C GLY B 89 25.52 5.66 14.95
N SER B 90 26.50 6.54 15.10
CA SER B 90 26.32 7.78 15.83
C SER B 90 25.58 8.79 14.97
N GLN B 91 24.48 9.32 15.49
CA GLN B 91 23.66 10.29 14.78
C GLN B 91 23.47 11.52 15.64
N PRO B 92 23.36 12.70 15.01
CA PRO B 92 23.26 13.95 15.79
C PRO B 92 21.94 14.09 16.53
N SER B 93 21.76 15.24 17.18
CA SER B 93 20.56 15.48 17.98
C SER B 93 19.31 15.52 17.10
N GLU B 94 19.27 16.46 16.16
CA GLU B 94 18.15 16.61 15.23
C GLU B 94 18.56 16.06 13.87
N ILE B 95 17.76 15.13 13.35
CA ILE B 95 18.05 14.49 12.08
C ILE B 95 17.38 15.27 10.95
N GLY B 96 18.05 15.34 9.81
CA GLY B 96 17.50 16.05 8.66
C GLY B 96 17.01 15.12 7.57
N VAL B 97 15.73 15.25 7.20
CA VAL B 97 15.09 14.34 6.26
C VAL B 97 14.30 15.13 5.23
N VAL B 98 13.79 14.42 4.22
CA VAL B 98 12.81 14.95 3.29
C VAL B 98 11.49 14.22 3.55
N ARG B 99 10.44 14.98 3.85
CA ARG B 99 9.16 14.41 4.24
C ARG B 99 8.23 14.36 3.04
N LEU B 100 7.79 13.15 2.69
CA LEU B 100 6.74 12.96 1.69
C LEU B 100 5.39 13.20 2.34
N VAL B 101 4.68 14.23 1.88
CA VAL B 101 3.46 14.67 2.54
C VAL B 101 2.24 13.96 1.95
N MET B 102 2.06 14.09 0.63
CA MET B 102 0.90 13.49 -0.04
C MET B 102 1.36 12.84 -1.33
N LEU B 103 0.66 11.77 -1.72
CA LEU B 103 0.91 11.10 -2.99
C LEU B 103 -0.38 10.40 -3.40
N GLY B 104 -1.08 10.98 -4.37
CA GLY B 104 -2.33 10.41 -4.86
C GLY B 104 -2.37 10.36 -6.37
N VAL B 105 -2.97 9.28 -6.89
CA VAL B 105 -3.18 9.10 -8.32
C VAL B 105 -4.67 9.11 -8.58
N ALA B 106 -5.07 9.75 -9.68
CA ALA B 106 -6.49 9.83 -10.02
C ALA B 106 -7.06 8.43 -10.26
N ARG B 107 -8.30 8.23 -9.83
CA ARG B 107 -8.93 6.91 -9.96
C ARG B 107 -9.03 6.49 -11.42
N LYS B 108 -9.18 7.45 -12.33
CA LYS B 108 -9.22 7.14 -13.75
C LYS B 108 -7.94 6.47 -14.22
N TYR B 109 -6.83 6.72 -13.53
CA TYR B 109 -5.52 6.20 -13.91
C TYR B 109 -4.97 5.18 -12.93
N GLN B 110 -5.72 4.82 -11.88
CA GLN B 110 -5.22 3.91 -10.88
C GLN B 110 -5.08 2.50 -11.45
N LYS B 111 -4.57 1.59 -10.61
CA LYS B 111 -4.37 0.17 -10.93
C LYS B 111 -3.38 -0.05 -12.06
N ARG B 112 -2.68 0.98 -12.52
CA ARG B 112 -1.75 0.87 -13.64
C ARG B 112 -0.30 1.09 -13.21
N GLY B 113 -0.03 1.18 -11.90
CA GLY B 113 1.32 1.31 -11.42
C GLY B 113 1.92 2.70 -11.49
N PHE B 114 1.09 3.72 -11.69
CA PHE B 114 1.61 5.08 -11.80
C PHE B 114 2.11 5.62 -10.46
N ASP B 115 1.62 5.08 -9.35
CA ASP B 115 2.07 5.54 -8.04
C ASP B 115 3.53 5.17 -7.78
N GLN B 116 3.95 4.00 -8.26
CA GLN B 116 5.35 3.62 -8.12
C GLN B 116 6.23 4.40 -9.09
N ASP B 117 5.69 4.80 -10.24
CA ASP B 117 6.46 5.60 -11.19
C ASP B 117 6.72 7.00 -10.64
N LEU B 118 5.72 7.57 -9.95
CA LEU B 118 5.93 8.87 -9.30
C LEU B 118 6.93 8.77 -8.16
N LEU B 119 6.84 7.70 -7.36
CA LEU B 119 7.77 7.53 -6.26
C LEU B 119 9.20 7.40 -6.76
N CYS B 120 9.40 6.80 -7.93
CA CYS B 120 10.74 6.71 -8.48
C CYS B 120 11.24 8.07 -8.94
N ASP B 121 10.36 8.89 -9.53
CA ASP B 121 10.73 10.26 -9.86
C ASP B 121 11.04 11.05 -8.60
N PHE B 122 10.25 10.83 -7.54
CA PHE B 122 10.52 11.49 -6.26
C PHE B 122 11.88 11.07 -5.71
N PHE B 123 12.21 9.78 -5.79
CA PHE B 123 13.51 9.33 -5.32
C PHE B 123 14.63 9.90 -6.17
N GLU B 124 14.41 10.01 -7.48
CA GLU B 124 15.41 10.63 -8.34
C GLU B 124 15.61 12.10 -7.95
N HIS B 125 14.55 12.77 -7.53
CA HIS B 125 14.68 14.14 -7.07
C HIS B 125 15.31 14.21 -5.68
N VAL B 126 15.02 13.22 -4.82
CA VAL B 126 15.65 13.19 -3.51
C VAL B 126 17.16 13.06 -3.64
N LYS B 127 17.62 12.26 -4.62
CA LYS B 127 19.06 12.16 -4.87
C LYS B 127 19.64 13.51 -5.26
N ILE B 128 18.93 14.26 -6.10
CA ILE B 128 19.39 15.59 -6.50
C ILE B 128 19.44 16.51 -5.29
N ILE B 129 18.42 16.47 -4.44
CA ILE B 129 18.43 17.24 -3.21
C ILE B 129 19.62 16.84 -2.33
N HIS B 130 19.88 15.53 -2.24
CA HIS B 130 20.94 15.04 -1.36
C HIS B 130 22.30 15.55 -1.80
N GLN B 131 22.50 15.78 -3.10
CA GLN B 131 23.77 16.28 -3.61
C GLN B 131 23.97 17.76 -3.36
N ALA B 132 22.94 18.48 -2.92
CA ALA B 132 23.07 19.87 -2.52
C ALA B 132 22.88 20.09 -1.03
N LEU B 133 21.98 19.33 -0.40
CA LEU B 133 21.73 19.42 1.02
C LEU B 133 21.66 18.00 1.57
N PRO B 134 22.72 17.52 2.21
CA PRO B 134 22.74 16.11 2.67
C PRO B 134 21.62 15.81 3.64
N ILE B 135 20.91 14.72 3.37
CA ILE B 135 19.79 14.26 4.18
C ILE B 135 20.07 12.82 4.58
N LYS B 136 19.34 12.36 5.59
CA LYS B 136 19.51 11.01 6.12
C LYS B 136 18.53 10.01 5.53
N GLY B 137 17.49 10.47 4.86
CA GLY B 137 16.52 9.59 4.28
C GLY B 137 15.21 10.32 4.04
N VAL B 138 14.17 9.53 3.81
CA VAL B 138 12.84 10.05 3.51
C VAL B 138 11.90 9.59 4.62
N TYR B 139 11.16 10.53 5.19
CA TYR B 139 10.18 10.26 6.23
C TYR B 139 8.78 10.53 5.69
N LEU B 140 7.81 9.76 6.18
CA LEU B 140 6.42 9.98 5.82
C LEU B 140 5.54 9.24 6.81
N ASP B 141 4.32 9.76 7.00
CA ASP B 141 3.29 9.11 7.81
C ASP B 141 2.40 8.31 6.87
N ALA B 142 2.49 6.99 6.93
CA ALA B 142 1.86 6.11 5.96
C ALA B 142 0.45 5.74 6.44
N ASP B 143 -0.54 6.06 5.61
CA ASP B 143 -1.89 5.61 5.88
C ASP B 143 -1.95 4.08 5.88
N PRO B 144 -2.75 3.48 6.75
CA PRO B 144 -2.81 2.01 6.80
C PRO B 144 -3.10 1.34 5.47
N ALA B 145 -3.84 2.01 4.58
CA ALA B 145 -4.07 1.45 3.26
C ALA B 145 -2.80 1.41 2.42
N ALA B 146 -1.89 2.36 2.65
CA ALA B 146 -0.66 2.47 1.89
C ALA B 146 0.55 1.89 2.61
N ILE B 147 0.37 1.31 3.80
CA ILE B 147 1.49 0.77 4.55
C ILE B 147 2.16 -0.36 3.77
N ASN B 148 1.36 -1.29 3.25
CA ASN B 148 1.91 -2.38 2.45
C ASN B 148 2.58 -1.86 1.19
N PHE B 149 2.18 -0.69 0.69
CA PHE B 149 2.80 -0.13 -0.50
C PHE B 149 4.18 0.45 -0.18
N TYR B 150 4.29 1.21 0.90
CA TYR B 150 5.57 1.83 1.25
C TYR B 150 6.55 0.82 1.83
N ALA B 151 6.07 -0.10 2.67
CA ALA B 151 6.95 -1.13 3.23
C ALA B 151 7.53 -2.01 2.15
N ARG B 152 6.79 -2.24 1.06
CA ARG B 152 7.31 -3.01 -0.06
C ARG B 152 8.44 -2.29 -0.79
N LEU B 153 8.48 -0.96 -0.72
CA LEU B 153 9.48 -0.17 -1.43
C LEU B 153 10.72 0.11 -0.60
N GLY B 154 10.88 -0.56 0.54
CA GLY B 154 12.03 -0.41 1.39
C GLY B 154 11.78 0.33 2.68
N PHE B 155 10.73 1.14 2.74
CA PHE B 155 10.41 1.86 3.96
C PHE B 155 10.17 0.89 5.11
N VAL B 156 10.55 1.32 6.31
CA VAL B 156 10.34 0.53 7.51
C VAL B 156 9.45 1.33 8.46
N GLN B 157 8.69 0.61 9.27
CA GLN B 157 7.74 1.23 10.20
C GLN B 157 8.46 1.51 11.51
N LEU B 158 8.65 2.80 11.82
CA LEU B 158 9.30 3.19 13.06
C LEU B 158 8.48 2.75 14.27
N SER B 159 7.27 3.28 14.39
CA SER B 159 6.39 2.98 15.51
C SER B 159 5.08 2.40 14.99
N ALA B 160 4.36 1.74 15.89
CA ALA B 160 3.03 1.23 15.60
C ALA B 160 1.93 2.15 16.14
N THR B 161 2.28 3.36 16.55
CA THR B 161 1.30 4.31 17.08
C THR B 161 0.94 5.31 16.00
N PRO B 162 -0.25 5.23 15.40
CA PRO B 162 -0.68 6.23 14.40
C PRO B 162 -1.44 7.39 15.02
N ASN B 163 -0.80 8.10 15.94
CA ASN B 163 -1.48 9.19 16.63
C ASN B 163 -1.54 10.48 15.81
N ALA B 164 -0.87 10.53 14.65
CA ALA B 164 -0.89 11.75 13.84
C ALA B 164 -2.29 12.03 13.31
N PHE B 165 -2.78 11.20 12.38
CA PHE B 165 -4.18 11.24 11.99
C PHE B 165 -4.71 9.83 11.71
N GLY B 166 -4.11 8.82 12.33
CA GLY B 166 -4.36 7.45 11.94
C GLY B 166 -3.32 6.88 10.99
N ALA B 167 -2.24 7.61 10.74
CA ALA B 167 -1.15 7.17 9.89
C ALA B 167 0.09 6.93 10.75
N VAL B 168 0.78 5.82 10.49
CA VAL B 168 1.97 5.46 11.23
C VAL B 168 3.20 6.06 10.56
N PRO B 169 4.22 6.48 11.31
CA PRO B 169 5.41 7.04 10.67
C PRO B 169 6.28 5.96 10.06
N MET B 170 6.86 6.26 8.90
CA MET B 170 7.76 5.36 8.20
C MET B 170 9.00 6.13 7.76
N PHE B 171 10.07 5.37 7.49
CA PHE B 171 11.33 5.99 7.13
C PHE B 171 12.10 5.06 6.21
N LEU B 172 12.92 5.66 5.35
CA LEU B 172 13.79 4.91 4.46
C LEU B 172 15.08 5.69 4.33
N ALA B 173 16.20 5.08 4.72
CA ALA B 173 17.48 5.78 4.77
C ALA B 173 17.97 6.11 3.35
N ILE B 174 18.68 7.24 3.25
CA ILE B 174 19.19 7.68 1.95
C ILE B 174 20.14 6.66 1.36
N GLN B 175 20.82 5.88 2.20
CA GLN B 175 21.72 4.85 1.69
C GLN B 175 20.99 3.90 0.75
N HIS B 176 19.75 3.53 1.08
CA HIS B 176 19.02 2.57 0.26
C HIS B 176 18.40 3.21 -0.97
N ILE B 177 18.00 4.49 -0.90
CA ILE B 177 17.53 5.15 -2.11
C ILE B 177 18.65 5.19 -3.16
N LEU B 178 19.84 5.65 -2.76
CA LEU B 178 20.95 5.75 -3.69
C LEU B 178 21.31 4.39 -4.27
N ALA B 179 21.23 3.34 -3.44
CA ALA B 179 21.51 1.99 -3.95
C ALA B 179 20.40 1.52 -4.89
N ALA B 180 19.14 1.82 -4.55
CA ALA B 180 18.03 1.40 -5.40
C ALA B 180 18.06 2.12 -6.75
N LEU B 181 18.43 3.40 -6.75
CA LEU B 181 18.51 4.15 -8.01
C LEU B 181 19.75 3.78 -8.81
N GLU B 182 20.80 3.31 -8.14
CA GLU B 182 22.00 2.85 -8.83
C GLU B 182 21.83 1.45 -9.42
N HIS B 183 20.80 0.72 -9.00
CA HIS B 183 20.57 -0.65 -9.44
C HIS B 183 20.13 -0.74 -10.90
N HIS B 184 20.08 0.35 -11.66
CA HIS B 184 19.71 0.31 -13.06
C HIS B 184 20.95 0.62 -13.91
N HIS B 185 21.16 -0.19 -14.94
CA HIS B 185 22.47 -0.39 -15.56
C HIS B 185 22.64 0.47 -16.81
N HIS B 186 23.73 0.22 -17.54
CA HIS B 186 24.01 0.87 -18.82
C HIS B 186 25.00 -0.01 -19.58
N HIS B 187 24.60 -0.48 -20.76
CA HIS B 187 25.41 -1.39 -21.56
C HIS B 187 26.15 -0.70 -22.70
N HIS B 188 26.50 0.57 -22.53
CA HIS B 188 27.19 1.31 -23.56
C HIS B 188 28.66 0.91 -23.63
N ILE C 12 -11.40 -40.51 -26.62
CA ILE C 12 -10.10 -40.81 -25.94
C ILE C 12 -10.33 -40.77 -24.42
N VAL C 13 -10.27 -39.58 -23.83
CA VAL C 13 -10.47 -39.39 -22.36
C VAL C 13 -11.70 -38.50 -22.15
N LEU C 14 -12.60 -38.92 -21.25
CA LEU C 14 -13.83 -38.15 -20.97
C LEU C 14 -13.86 -37.74 -19.49
N SER C 15 -14.17 -36.46 -19.21
CA SER C 15 -14.23 -35.96 -17.81
C SER C 15 -15.70 -35.87 -17.37
N CYS C 16 -15.93 -35.81 -16.06
CA CYS C 16 -17.29 -35.74 -15.54
C CYS C 16 -17.24 -35.39 -14.06
N ASN C 17 -18.28 -34.69 -13.59
CA ASN C 17 -18.45 -34.49 -12.15
C ASN C 17 -18.97 -35.79 -11.55
N TYR C 18 -18.16 -36.40 -10.70
CA TYR C 18 -18.43 -37.76 -10.23
C TYR C 18 -19.71 -37.81 -9.41
N GLN C 19 -20.59 -38.76 -9.78
CA GLN C 19 -21.86 -39.02 -9.12
C GLN C 19 -21.64 -39.71 -7.76
N SER C 20 -22.70 -39.79 -6.98
CA SER C 20 -22.57 -40.39 -5.65
C SER C 20 -22.77 -41.90 -5.64
N ASP C 21 -23.22 -42.49 -6.75
CA ASP C 21 -23.64 -43.88 -6.76
C ASP C 21 -22.85 -44.79 -7.69
N ILE C 22 -22.02 -44.24 -8.57
CA ILE C 22 -21.26 -45.06 -9.52
C ILE C 22 -19.88 -45.34 -8.94
N THR C 23 -19.31 -46.48 -9.32
CA THR C 23 -17.92 -46.78 -9.04
C THR C 23 -17.32 -47.48 -10.25
N TYR C 24 -16.21 -46.91 -10.78
CA TYR C 24 -15.66 -47.32 -12.07
C TYR C 24 -14.57 -48.37 -11.90
N PRO C 25 -14.38 -49.22 -12.90
CA PRO C 25 -13.26 -50.17 -12.87
C PRO C 25 -11.92 -49.43 -12.76
N GLY C 26 -11.18 -49.74 -11.72
CA GLY C 26 -9.97 -49.01 -11.39
C GLY C 26 -10.12 -48.02 -10.27
N GLN C 27 -11.26 -48.01 -9.58
CA GLN C 27 -11.49 -47.16 -8.41
C GLN C 27 -11.10 -47.86 -7.12
N LYS C 28 -11.64 -49.06 -6.90
CA LYS C 28 -11.20 -49.87 -5.77
C LYS C 28 -9.74 -50.26 -5.88
N GLN C 29 -9.20 -50.29 -7.10
CA GLN C 29 -7.77 -50.50 -7.35
C GLN C 29 -7.29 -49.30 -8.14
N PHE C 30 -6.87 -48.25 -7.43
CA PHE C 30 -6.36 -47.03 -8.04
C PHE C 30 -5.00 -46.74 -7.45
N ASP C 31 -3.97 -46.67 -8.30
CA ASP C 31 -2.63 -46.34 -7.88
C ASP C 31 -2.09 -45.24 -8.79
N CYS C 32 -1.59 -44.15 -8.18
CA CYS C 32 -1.21 -42.97 -8.94
C CYS C 32 0.15 -42.43 -8.52
N GLY C 33 0.96 -43.22 -7.83
CA GLY C 33 2.20 -42.73 -7.29
C GLY C 33 2.05 -41.87 -6.06
N ASN C 34 0.88 -41.87 -5.43
CA ASN C 34 0.62 -41.12 -4.21
C ASN C 34 -0.30 -41.94 -3.31
N PRO C 35 0.22 -42.47 -2.20
CA PRO C 35 -0.59 -43.37 -1.37
C PRO C 35 -1.74 -42.68 -0.66
N VAL C 36 -1.58 -41.42 -0.26
CA VAL C 36 -2.67 -40.73 0.41
C VAL C 36 -3.84 -40.50 -0.53
N ILE C 37 -3.57 -40.41 -1.84
CA ILE C 37 -4.65 -40.32 -2.81
C ILE C 37 -5.26 -41.68 -3.06
N ASP C 38 -4.45 -42.73 -3.04
CA ASP C 38 -4.95 -44.08 -3.32
C ASP C 38 -6.00 -44.51 -2.31
N LYS C 39 -5.65 -44.49 -1.03
CA LYS C 39 -6.59 -44.95 -0.01
C LYS C 39 -7.81 -44.03 0.09
N PHE C 40 -7.68 -42.77 -0.32
CA PHE C 40 -8.84 -41.89 -0.37
C PHE C 40 -9.74 -42.25 -1.55
N VAL C 41 -9.14 -42.40 -2.74
CA VAL C 41 -9.93 -42.69 -3.93
C VAL C 41 -10.57 -44.07 -3.84
N ARG C 42 -9.89 -45.03 -3.21
CA ARG C 42 -10.39 -46.40 -3.16
C ARG C 42 -11.56 -46.53 -2.19
N ALA C 43 -11.41 -46.01 -0.97
CA ALA C 43 -12.41 -46.23 0.08
C ALA C 43 -13.21 -44.99 0.43
N SER C 44 -12.58 -43.82 0.54
CA SER C 44 -13.22 -42.62 1.08
C SER C 44 -13.66 -41.64 0.00
N LEU C 45 -13.56 -42.01 -1.28
CA LEU C 45 -13.93 -41.08 -2.34
C LEU C 45 -15.45 -40.96 -2.47
N LYS C 46 -16.15 -42.09 -2.53
CA LYS C 46 -17.59 -42.05 -2.75
C LYS C 46 -18.32 -41.45 -1.55
N LYS C 47 -17.75 -41.56 -0.35
CA LYS C 47 -18.39 -40.99 0.83
C LYS C 47 -18.27 -39.47 0.88
N SER C 48 -17.16 -38.92 0.37
CA SER C 48 -16.96 -37.48 0.43
C SER C 48 -17.90 -36.75 -0.52
N VAL C 49 -18.16 -37.35 -1.69
CA VAL C 49 -19.10 -36.70 -2.61
C VAL C 49 -20.54 -36.86 -2.10
N ARG C 50 -20.82 -37.96 -1.40
CA ARG C 50 -22.14 -38.11 -0.78
C ARG C 50 -22.34 -37.09 0.32
N ASN C 51 -21.32 -36.87 1.14
CA ASN C 51 -21.38 -35.92 2.25
C ASN C 51 -21.15 -34.49 1.80
N SER C 52 -21.00 -34.24 0.50
CA SER C 52 -20.74 -32.91 -0.04
C SER C 52 -19.52 -32.27 0.62
N ASP C 53 -18.49 -33.08 0.85
CA ASP C 53 -17.23 -32.58 1.40
C ASP C 53 -16.33 -31.98 0.35
N CYS C 54 -16.52 -32.33 -0.93
CA CYS C 54 -15.67 -31.85 -2.01
C CYS C 54 -16.36 -32.12 -3.33
N ALA C 55 -15.98 -31.37 -4.34
CA ALA C 55 -16.32 -31.68 -5.72
C ALA C 55 -15.30 -32.66 -6.28
N ALA C 56 -15.72 -33.44 -7.27
CA ALA C 56 -14.85 -34.48 -7.82
C ALA C 56 -15.12 -34.62 -9.31
N LYS C 57 -14.19 -34.14 -10.13
CA LYS C 57 -14.21 -34.34 -11.57
C LYS C 57 -13.13 -35.34 -11.94
N ALA C 58 -13.54 -36.50 -12.44
CA ALA C 58 -12.64 -37.60 -12.76
C ALA C 58 -12.46 -37.73 -14.26
N LEU C 59 -11.51 -38.58 -14.63
CA LEU C 59 -11.18 -38.85 -16.03
C LEU C 59 -11.40 -40.34 -16.30
N ILE C 60 -12.38 -40.64 -17.16
CA ILE C 60 -12.83 -42.01 -17.43
C ILE C 60 -12.56 -42.33 -18.89
N ASP C 61 -11.96 -43.50 -19.15
CA ASP C 61 -11.67 -43.93 -20.51
C ASP C 61 -12.95 -44.35 -21.22
N ARG C 62 -13.16 -43.83 -22.43
CA ARG C 62 -14.40 -44.14 -23.16
C ARG C 62 -14.50 -45.62 -23.48
N GLN C 63 -13.38 -46.25 -23.81
CA GLN C 63 -13.42 -47.64 -24.26
C GLN C 63 -13.68 -48.60 -23.11
N SER C 64 -12.81 -48.61 -22.11
CA SER C 64 -12.91 -49.56 -21.01
C SER C 64 -13.66 -49.03 -19.81
N GLY C 65 -13.78 -47.71 -19.65
CA GLY C 65 -14.40 -47.16 -18.47
C GLY C 65 -13.49 -47.05 -17.27
N GLU C 66 -12.18 -47.17 -17.47
CA GLU C 66 -11.25 -47.14 -16.35
C GLU C 66 -11.13 -45.73 -15.79
N LEU C 67 -10.63 -45.65 -14.55
CA LEU C 67 -10.42 -44.38 -13.88
C LEU C 67 -8.97 -43.95 -14.11
N ILE C 68 -8.78 -42.90 -14.90
CA ILE C 68 -7.44 -42.43 -15.25
C ILE C 68 -6.97 -41.44 -14.19
N GLY C 69 -7.74 -40.38 -13.97
CA GLY C 69 -7.36 -39.34 -13.05
C GLY C 69 -8.52 -38.94 -12.15
N ILE C 70 -8.15 -38.32 -11.04
CA ILE C 70 -9.12 -37.78 -10.09
C ILE C 70 -8.69 -36.36 -9.72
N CYS C 71 -9.68 -35.52 -9.48
CA CYS C 71 -9.42 -34.12 -9.14
C CYS C 71 -10.50 -33.65 -8.18
N THR C 72 -10.13 -33.47 -6.91
CA THR C 72 -11.05 -33.00 -5.90
C THR C 72 -10.69 -31.58 -5.47
N PHE C 73 -11.70 -30.80 -5.13
CA PHE C 73 -11.49 -29.43 -4.68
C PHE C 73 -12.68 -29.00 -3.85
N THR C 74 -12.43 -28.08 -2.92
CA THR C 74 -13.43 -27.62 -1.97
C THR C 74 -13.51 -26.10 -2.00
N ALA C 75 -14.42 -25.56 -1.19
CA ALA C 75 -14.50 -24.12 -0.94
C ALA C 75 -13.59 -23.79 0.23
N TYR C 76 -12.80 -22.72 0.09
CA TYR C 76 -11.78 -22.40 1.08
C TYR C 76 -11.69 -20.91 1.29
N SER C 77 -11.14 -20.53 2.45
CA SER C 77 -10.88 -19.14 2.79
C SER C 77 -9.60 -19.06 3.62
N LEU C 78 -8.76 -18.09 3.29
CA LEU C 78 -7.54 -17.80 4.03
C LEU C 78 -7.60 -16.39 4.59
N GLU C 79 -6.62 -16.08 5.44
CA GLU C 79 -6.38 -14.71 5.84
C GLU C 79 -5.46 -14.04 4.83
N LYS C 80 -5.61 -12.72 4.66
CA LYS C 80 -4.79 -12.00 3.69
C LYS C 80 -3.31 -12.05 4.03
N GLN C 81 -2.98 -12.22 5.32
CA GLN C 81 -1.58 -12.32 5.70
C GLN C 81 -0.89 -13.48 4.99
N ARG C 82 -1.63 -14.57 4.74
CA ARG C 82 -1.04 -15.72 4.07
C ARG C 82 -0.83 -15.47 2.58
N VAL C 83 -1.60 -14.55 2.01
CA VAL C 83 -1.57 -14.30 0.57
C VAL C 83 -0.79 -13.02 0.26
N SER C 84 -0.16 -12.44 1.27
CA SER C 84 0.59 -11.20 1.13
C SER C 84 1.62 -11.28 0.00
N GLY C 85 1.59 -10.28 -0.88
CA GLY C 85 2.58 -10.12 -1.94
C GLY C 85 2.16 -10.59 -3.32
N VAL C 86 1.04 -11.29 -3.45
CA VAL C 86 0.63 -11.85 -4.73
C VAL C 86 -0.73 -11.36 -5.19
N LEU C 87 -1.38 -10.49 -4.43
CA LEU C 87 -2.68 -9.91 -4.80
C LEU C 87 -2.57 -8.39 -4.66
N GLN C 88 -2.20 -7.73 -5.76
CA GLN C 88 -2.03 -6.29 -5.74
C GLN C 88 -3.38 -5.60 -5.60
N GLY C 89 -3.44 -4.62 -4.69
CA GLY C 89 -4.66 -3.87 -4.44
C GLY C 89 -5.17 -4.09 -3.03
N SER C 90 -6.37 -3.57 -2.79
CA SER C 90 -7.04 -3.69 -1.50
C SER C 90 -8.09 -4.77 -1.56
N GLN C 91 -8.13 -5.61 -0.54
CA GLN C 91 -9.00 -6.78 -0.45
C GLN C 91 -9.62 -6.84 0.94
N PRO C 92 -10.63 -7.69 1.15
CA PRO C 92 -11.20 -7.85 2.49
C PRO C 92 -10.44 -8.88 3.31
N SER C 93 -10.63 -8.78 4.64
CA SER C 93 -9.77 -9.53 5.55
C SER C 93 -9.90 -11.04 5.39
N GLU C 94 -11.07 -11.52 4.98
CA GLU C 94 -11.28 -12.94 4.73
C GLU C 94 -11.58 -13.12 3.25
N ILE C 95 -10.58 -13.59 2.50
CA ILE C 95 -10.72 -13.82 1.08
C ILE C 95 -11.24 -15.23 0.85
N GLY C 96 -12.04 -15.38 -0.20
CA GLY C 96 -12.61 -16.67 -0.57
C GLY C 96 -11.93 -17.20 -1.82
N VAL C 97 -11.56 -18.49 -1.77
CA VAL C 97 -10.86 -19.14 -2.87
C VAL C 97 -11.40 -20.55 -3.04
N VAL C 98 -10.94 -21.21 -4.10
CA VAL C 98 -11.22 -22.62 -4.34
C VAL C 98 -9.91 -23.37 -4.12
N ARG C 99 -9.95 -24.37 -3.24
CA ARG C 99 -8.75 -25.12 -2.86
C ARG C 99 -8.75 -26.46 -3.59
N LEU C 100 -7.85 -26.61 -4.55
CA LEU C 100 -7.61 -27.91 -5.17
C LEU C 100 -6.92 -28.81 -4.17
N VAL C 101 -7.62 -29.83 -3.70
CA VAL C 101 -7.08 -30.67 -2.63
C VAL C 101 -6.05 -31.66 -3.19
N MET C 102 -6.42 -32.39 -4.24
CA MET C 102 -5.53 -33.38 -4.81
C MET C 102 -5.85 -33.61 -6.27
N LEU C 103 -4.80 -33.72 -7.08
CA LEU C 103 -4.90 -34.07 -8.50
C LEU C 103 -4.07 -35.34 -8.69
N GLY C 104 -4.74 -36.48 -8.83
CA GLY C 104 -4.09 -37.75 -9.05
C GLY C 104 -4.41 -38.27 -10.43
N VAL C 105 -3.45 -38.97 -11.03
CA VAL C 105 -3.64 -39.67 -12.30
C VAL C 105 -2.87 -40.98 -12.22
N ALA C 106 -3.51 -42.08 -12.61
CA ALA C 106 -2.92 -43.40 -12.46
C ALA C 106 -1.56 -43.49 -13.15
N ARG C 107 -0.66 -44.26 -12.55
CA ARG C 107 0.69 -44.42 -13.10
C ARG C 107 0.67 -45.10 -14.46
N LYS C 108 -0.43 -45.77 -14.82
CA LYS C 108 -0.57 -46.32 -16.16
C LYS C 108 -0.57 -45.20 -17.19
N TYR C 109 -1.55 -44.30 -17.10
CA TYR C 109 -1.69 -43.20 -18.06
C TYR C 109 -0.80 -42.00 -17.70
N GLN C 110 0.24 -42.21 -16.90
CA GLN C 110 1.07 -41.12 -16.43
C GLN C 110 2.01 -40.65 -17.54
N LYS C 111 2.53 -39.43 -17.36
CA LYS C 111 3.50 -38.79 -18.24
C LYS C 111 2.99 -38.57 -19.66
N ARG C 112 1.68 -38.72 -19.89
CA ARG C 112 1.11 -38.51 -21.22
C ARG C 112 0.58 -37.10 -21.43
N GLY C 113 0.40 -36.33 -20.36
CA GLY C 113 -0.20 -35.02 -20.46
C GLY C 113 -1.60 -34.93 -19.90
N PHE C 114 -2.19 -36.03 -19.46
CA PHE C 114 -3.50 -35.99 -18.82
C PHE C 114 -3.50 -35.10 -17.58
N ASP C 115 -2.33 -34.80 -17.03
CA ASP C 115 -2.23 -33.91 -15.88
C ASP C 115 -2.96 -32.60 -16.13
N GLN C 116 -2.66 -31.94 -17.26
CA GLN C 116 -3.30 -30.67 -17.58
C GLN C 116 -4.73 -30.84 -18.06
N ASP C 117 -5.05 -32.00 -18.65
CA ASP C 117 -6.41 -32.23 -19.14
C ASP C 117 -7.43 -32.10 -18.03
N LEU C 118 -7.09 -32.57 -16.82
CA LEU C 118 -7.96 -32.36 -15.68
C LEU C 118 -7.87 -30.92 -15.19
N LEU C 119 -6.66 -30.35 -15.18
CA LEU C 119 -6.49 -28.99 -14.68
C LEU C 119 -7.14 -27.97 -15.61
N CYS C 120 -7.11 -28.23 -16.92
CA CYS C 120 -7.84 -27.38 -17.85
C CYS C 120 -9.34 -27.48 -17.63
N ASP C 121 -9.84 -28.70 -17.40
CA ASP C 121 -11.25 -28.86 -17.04
C ASP C 121 -11.53 -28.32 -15.65
N PHE C 122 -10.56 -28.42 -14.73
CA PHE C 122 -10.73 -27.83 -13.41
C PHE C 122 -10.74 -26.32 -13.47
N PHE C 123 -9.91 -25.73 -14.33
CA PHE C 123 -9.93 -24.28 -14.51
C PHE C 123 -11.25 -23.82 -15.11
N GLU C 124 -11.82 -24.60 -16.04
CA GLU C 124 -13.12 -24.25 -16.59
C GLU C 124 -14.20 -24.32 -15.52
N HIS C 125 -14.14 -25.31 -14.64
CA HIS C 125 -15.10 -25.40 -13.54
C HIS C 125 -14.90 -24.27 -12.55
N VAL C 126 -13.65 -23.88 -12.30
CA VAL C 126 -13.37 -22.75 -11.43
C VAL C 126 -13.98 -21.48 -11.99
N LYS C 127 -13.89 -21.29 -13.32
CA LYS C 127 -14.55 -20.16 -13.95
C LYS C 127 -16.05 -20.21 -13.71
N ILE C 128 -16.66 -21.40 -13.86
CA ILE C 128 -18.09 -21.55 -13.61
C ILE C 128 -18.43 -21.19 -12.17
N ILE C 129 -17.63 -21.65 -11.22
CA ILE C 129 -17.84 -21.31 -9.82
C ILE C 129 -17.76 -19.80 -9.62
N HIS C 130 -16.83 -19.15 -10.34
CA HIS C 130 -16.63 -17.72 -10.16
C HIS C 130 -17.84 -16.90 -10.61
N GLN C 131 -18.63 -17.43 -11.54
CA GLN C 131 -19.81 -16.68 -11.99
C GLN C 131 -20.84 -16.54 -10.88
N ALA C 132 -21.05 -17.59 -10.09
CA ALA C 132 -22.04 -17.58 -9.02
C ALA C 132 -21.46 -17.09 -7.71
N LEU C 133 -20.28 -17.59 -7.34
CA LEU C 133 -19.61 -17.21 -6.10
C LEU C 133 -18.26 -16.60 -6.43
N PRO C 134 -18.01 -15.32 -6.10
CA PRO C 134 -16.73 -14.69 -6.45
C PRO C 134 -15.59 -15.26 -5.62
N ILE C 135 -14.58 -15.79 -6.31
CA ILE C 135 -13.38 -16.31 -5.68
C ILE C 135 -12.20 -15.46 -6.14
N LYS C 136 -11.24 -15.27 -5.25
CA LYS C 136 -10.05 -14.50 -5.59
C LYS C 136 -9.00 -15.32 -6.32
N GLY C 137 -9.14 -16.63 -6.35
CA GLY C 137 -8.18 -17.48 -7.01
C GLY C 137 -8.29 -18.91 -6.53
N VAL C 138 -7.27 -19.69 -6.86
CA VAL C 138 -7.20 -21.10 -6.49
C VAL C 138 -6.02 -21.28 -5.55
N TYR C 139 -6.28 -21.81 -4.35
CA TYR C 139 -5.26 -22.08 -3.37
C TYR C 139 -4.86 -23.56 -3.40
N LEU C 140 -3.60 -23.83 -3.08
CA LEU C 140 -3.06 -25.17 -3.21
C LEU C 140 -1.96 -25.40 -2.19
N ASP C 141 -1.91 -26.61 -1.64
CA ASP C 141 -0.82 -27.07 -0.79
C ASP C 141 -0.04 -28.11 -1.60
N ALA C 142 1.08 -27.69 -2.17
CA ALA C 142 1.82 -28.50 -3.13
C ALA C 142 3.00 -29.21 -2.46
N ASP C 143 3.08 -30.52 -2.67
CA ASP C 143 4.26 -31.27 -2.28
C ASP C 143 5.47 -30.76 -3.07
N PRO C 144 6.63 -30.53 -2.42
CA PRO C 144 7.82 -30.05 -3.15
C PRO C 144 8.17 -30.86 -4.38
N ALA C 145 7.69 -32.11 -4.47
CA ALA C 145 7.87 -32.89 -5.68
C ALA C 145 7.17 -32.24 -6.86
N ALA C 146 6.03 -31.59 -6.63
CA ALA C 146 5.22 -31.01 -7.70
C ALA C 146 5.20 -29.48 -7.64
N ILE C 147 6.12 -28.86 -6.88
CA ILE C 147 6.19 -27.41 -6.85
C ILE C 147 6.48 -26.86 -8.25
N ASN C 148 7.42 -27.49 -8.95
CA ASN C 148 7.75 -27.05 -10.30
C ASN C 148 6.58 -27.23 -11.25
N PHE C 149 5.85 -28.35 -11.14
CA PHE C 149 4.74 -28.62 -12.05
C PHE C 149 3.71 -27.50 -12.00
N TYR C 150 3.26 -27.14 -10.80
CA TYR C 150 2.25 -26.08 -10.68
C TYR C 150 2.84 -24.71 -11.01
N ALA C 151 4.12 -24.49 -10.73
CA ALA C 151 4.74 -23.22 -11.08
C ALA C 151 4.78 -23.01 -12.58
N ARG C 152 4.96 -24.09 -13.36
CA ARG C 152 4.94 -23.98 -14.81
C ARG C 152 3.57 -23.58 -15.34
N LEU C 153 2.52 -23.70 -14.53
CA LEU C 153 1.18 -23.26 -14.90
C LEU C 153 0.86 -21.85 -14.44
N GLY C 154 1.72 -21.23 -13.63
CA GLY C 154 1.51 -19.88 -13.14
C GLY C 154 1.30 -19.75 -11.65
N PHE C 155 1.38 -20.85 -10.91
CA PHE C 155 1.17 -20.79 -9.47
C PHE C 155 2.37 -20.16 -8.78
N VAL C 156 2.09 -19.30 -7.81
CA VAL C 156 3.11 -18.57 -7.06
C VAL C 156 3.14 -19.11 -5.64
N GLN C 157 4.34 -19.36 -5.13
CA GLN C 157 4.49 -19.77 -3.73
C GLN C 157 4.24 -18.59 -2.81
N LEU C 158 3.55 -18.85 -1.70
CA LEU C 158 3.29 -17.83 -0.69
C LEU C 158 4.27 -17.87 0.47
N SER C 159 4.95 -19.00 0.65
CA SER C 159 5.94 -19.17 1.71
C SER C 159 6.84 -20.32 1.32
N ALA C 160 7.95 -20.45 2.05
CA ALA C 160 8.86 -21.56 1.85
C ALA C 160 8.70 -22.65 2.91
N THR C 161 7.91 -22.39 3.96
CA THR C 161 7.75 -23.32 5.07
C THR C 161 6.63 -24.31 4.76
N PRO C 162 6.84 -25.60 4.99
CA PRO C 162 5.86 -26.61 4.59
C PRO C 162 4.64 -26.64 5.52
N ASN C 163 3.69 -27.49 5.16
CA ASN C 163 2.46 -27.67 5.91
C ASN C 163 2.69 -28.54 7.13
N ALA C 164 1.61 -29.04 7.74
CA ALA C 164 1.73 -30.00 8.83
C ALA C 164 2.72 -31.11 8.49
N PHE C 165 2.77 -31.52 7.22
CA PHE C 165 3.87 -32.36 6.76
C PHE C 165 3.97 -32.22 5.24
N GLY C 166 5.05 -31.58 4.78
CA GLY C 166 5.41 -31.60 3.38
C GLY C 166 4.93 -30.44 2.52
N ALA C 167 3.61 -30.30 2.37
CA ALA C 167 3.05 -29.42 1.36
C ALA C 167 3.38 -27.95 1.63
N VAL C 168 3.56 -27.20 0.54
CA VAL C 168 3.88 -25.78 0.61
C VAL C 168 2.73 -24.98 -0.02
N PRO C 169 2.28 -23.89 0.60
CA PRO C 169 1.16 -23.14 0.02
C PRO C 169 1.53 -22.45 -1.29
N MET C 170 0.70 -22.68 -2.32
CA MET C 170 0.81 -22.00 -3.59
C MET C 170 -0.54 -21.43 -3.97
N PHE C 171 -0.51 -20.29 -4.66
CA PHE C 171 -1.72 -19.56 -5.01
C PHE C 171 -1.65 -19.13 -6.48
N LEU C 172 -2.78 -19.22 -7.17
CA LEU C 172 -2.91 -18.70 -8.52
C LEU C 172 -4.14 -17.81 -8.59
N ALA C 173 -3.95 -16.59 -9.09
CA ALA C 173 -5.00 -15.59 -9.07
C ALA C 173 -6.09 -15.92 -10.08
N ILE C 174 -7.34 -15.62 -9.71
CA ILE C 174 -8.47 -15.81 -10.63
C ILE C 174 -8.29 -14.94 -11.87
N GLN C 175 -7.52 -13.85 -11.75
CA GLN C 175 -7.28 -12.97 -12.88
C GLN C 175 -6.60 -13.70 -14.02
N HIS C 176 -5.51 -14.40 -13.72
CA HIS C 176 -4.77 -15.10 -14.78
C HIS C 176 -5.53 -16.33 -15.25
N ILE C 177 -6.39 -16.91 -14.42
CA ILE C 177 -7.18 -18.05 -14.84
C ILE C 177 -8.09 -17.66 -16.00
N LEU C 178 -9.00 -16.71 -15.75
CA LEU C 178 -9.95 -16.29 -16.77
C LEU C 178 -9.25 -15.88 -18.06
N ALA C 179 -8.12 -15.19 -17.95
CA ALA C 179 -7.37 -14.80 -19.15
C ALA C 179 -6.79 -16.01 -19.86
N ALA C 180 -6.38 -17.03 -19.10
CA ALA C 180 -5.80 -18.22 -19.71
C ALA C 180 -6.85 -19.01 -20.48
N LEU C 181 -8.07 -19.12 -19.94
CA LEU C 181 -9.13 -19.80 -20.66
C LEU C 181 -9.48 -19.10 -21.96
N GLU C 182 -9.39 -17.77 -21.98
CA GLU C 182 -9.75 -17.01 -23.18
C GLU C 182 -8.83 -17.35 -24.35
N HIS C 183 -7.52 -17.41 -24.09
CA HIS C 183 -6.57 -17.73 -25.15
C HIS C 183 -6.65 -19.18 -25.59
N HIS C 184 -7.13 -20.08 -24.72
CA HIS C 184 -7.30 -21.47 -25.12
C HIS C 184 -8.35 -21.61 -26.20
N HIS C 185 -9.48 -20.89 -26.06
CA HIS C 185 -10.51 -20.91 -27.08
C HIS C 185 -10.08 -20.17 -28.34
N HIS C 186 -9.15 -19.22 -28.22
CA HIS C 186 -8.55 -18.54 -29.36
C HIS C 186 -7.29 -19.24 -29.85
N HIS C 187 -7.19 -20.56 -29.64
CA HIS C 187 -6.02 -21.35 -30.01
C HIS C 187 -4.77 -20.85 -29.30
N PRO D 11 -45.07 -1.29 -4.75
CA PRO D 11 -44.08 -1.02 -5.80
C PRO D 11 -43.64 -2.27 -6.54
N ILE D 12 -43.26 -2.11 -7.81
CA ILE D 12 -42.81 -3.23 -8.64
C ILE D 12 -41.33 -3.47 -8.33
N VAL D 13 -41.04 -4.62 -7.75
CA VAL D 13 -39.67 -4.98 -7.38
C VAL D 13 -39.23 -6.19 -8.18
N LEU D 14 -37.94 -6.25 -8.50
CA LEU D 14 -37.39 -7.34 -9.29
C LEU D 14 -36.20 -7.95 -8.60
N SER D 15 -36.08 -9.27 -8.71
CA SER D 15 -34.93 -10.00 -8.17
C SER D 15 -33.74 -9.74 -9.09
N CYS D 16 -32.85 -8.85 -8.68
CA CYS D 16 -31.72 -8.43 -9.50
C CYS D 16 -30.47 -9.21 -9.10
N ASN D 17 -29.37 -8.88 -9.78
CA ASN D 17 -28.05 -9.43 -9.47
C ASN D 17 -27.09 -8.24 -9.55
N TYR D 18 -26.69 -7.72 -8.39
CA TYR D 18 -26.03 -6.42 -8.32
C TYR D 18 -24.77 -6.35 -9.17
N GLN D 19 -24.80 -5.52 -10.20
CA GLN D 19 -23.65 -5.24 -11.06
C GLN D 19 -23.13 -3.83 -10.76
N SER D 20 -21.82 -3.71 -10.63
CA SER D 20 -21.22 -2.41 -10.34
C SER D 20 -21.03 -1.56 -11.60
N ASP D 21 -21.07 -2.16 -12.78
CA ASP D 21 -20.94 -1.42 -14.03
C ASP D 21 -22.21 -0.69 -14.42
N ILE D 22 -23.27 -0.78 -13.62
CA ILE D 22 -24.50 -0.02 -13.89
C ILE D 22 -24.78 0.87 -12.68
N THR D 23 -25.87 1.62 -12.74
CA THR D 23 -26.12 2.71 -11.80
C THR D 23 -27.46 2.53 -11.10
N TYR D 24 -27.54 3.08 -9.88
CA TYR D 24 -28.70 2.94 -9.01
C TYR D 24 -29.04 4.27 -8.35
N PRO D 25 -30.14 4.92 -8.71
CA PRO D 25 -30.48 6.20 -8.08
C PRO D 25 -30.83 6.02 -6.62
N GLY D 26 -30.37 6.96 -5.80
CA GLY D 26 -30.68 6.97 -4.38
C GLY D 26 -29.91 5.99 -3.53
N GLN D 27 -29.02 5.19 -4.14
CA GLN D 27 -28.26 4.21 -3.37
C GLN D 27 -27.17 4.88 -2.54
N LYS D 28 -26.57 5.95 -3.06
CA LYS D 28 -25.58 6.70 -2.30
C LYS D 28 -26.24 7.69 -1.33
N GLN D 29 -27.51 7.46 -1.02
CA GLN D 29 -28.18 7.95 0.20
C GLN D 29 -29.00 6.83 0.82
N PHE D 30 -28.43 5.62 0.87
CA PHE D 30 -29.15 4.41 1.29
C PHE D 30 -29.43 4.43 2.78
N ASP D 31 -30.68 4.25 3.18
CA ASP D 31 -31.06 4.21 4.58
C ASP D 31 -31.58 2.83 4.91
N CYS D 32 -30.94 2.16 5.87
CA CYS D 32 -31.24 0.77 6.18
C CYS D 32 -31.79 0.58 7.58
N GLY D 33 -31.10 1.07 8.60
CA GLY D 33 -31.52 0.83 9.97
C GLY D 33 -30.37 0.42 10.85
N ASN D 34 -29.33 -0.13 10.22
CA ASN D 34 -28.09 -0.49 10.90
C ASN D 34 -26.95 0.31 10.31
N PRO D 35 -26.35 1.24 11.06
CA PRO D 35 -25.42 2.20 10.45
C PRO D 35 -24.22 1.56 9.76
N VAL D 36 -23.71 0.44 10.26
CA VAL D 36 -22.54 -0.18 9.66
C VAL D 36 -22.87 -0.70 8.26
N ILE D 37 -24.12 -1.06 8.01
CA ILE D 37 -24.50 -1.59 6.70
C ILE D 37 -24.50 -0.49 5.66
N ASP D 38 -25.17 0.63 5.95
CA ASP D 38 -25.28 1.70 4.96
C ASP D 38 -23.93 2.32 4.61
N LYS D 39 -22.97 2.30 5.55
CA LYS D 39 -21.66 2.85 5.25
C LYS D 39 -20.99 2.07 4.12
N PHE D 40 -21.21 0.75 4.08
CA PHE D 40 -20.65 -0.06 3.01
C PHE D 40 -21.41 0.11 1.71
N VAL D 41 -22.71 0.44 1.78
CA VAL D 41 -23.50 0.54 0.57
C VAL D 41 -23.16 1.80 -0.23
N ARG D 42 -22.75 2.87 0.44
CA ARG D 42 -22.53 4.15 -0.24
C ARG D 42 -21.08 4.39 -0.64
N ALA D 43 -20.12 3.78 0.04
CA ALA D 43 -18.72 4.08 -0.21
C ALA D 43 -17.87 2.87 -0.56
N SER D 44 -18.39 1.65 -0.43
CA SER D 44 -17.60 0.47 -0.76
C SER D 44 -18.35 -0.64 -1.49
N LEU D 45 -19.66 -0.51 -1.74
CA LEU D 45 -20.40 -1.60 -2.37
C LEU D 45 -19.98 -1.79 -3.82
N LYS D 46 -20.08 -0.73 -4.62
CA LYS D 46 -19.65 -0.83 -6.02
C LYS D 46 -18.18 -1.21 -6.11
N LYS D 47 -17.35 -0.70 -5.21
CA LYS D 47 -15.91 -0.93 -5.28
C LYS D 47 -15.57 -2.38 -4.98
N SER D 48 -16.17 -2.96 -3.93
CA SER D 48 -15.83 -4.32 -3.55
C SER D 48 -16.41 -5.35 -4.50
N VAL D 49 -17.59 -5.07 -5.08
CA VAL D 49 -18.16 -5.98 -6.05
C VAL D 49 -17.32 -6.01 -7.33
N ARG D 50 -16.81 -4.84 -7.74
CA ARG D 50 -15.98 -4.78 -8.93
C ARG D 50 -14.64 -5.48 -8.77
N ASN D 51 -14.21 -5.75 -7.53
CA ASN D 51 -12.94 -6.40 -7.26
C ASN D 51 -13.11 -7.84 -6.77
N SER D 52 -14.28 -8.43 -7.00
CA SER D 52 -14.58 -9.83 -6.66
C SER D 52 -14.46 -10.11 -5.16
N ASP D 53 -14.60 -9.08 -4.32
CA ASP D 53 -14.51 -9.27 -2.88
C ASP D 53 -15.76 -9.95 -2.33
N CYS D 54 -16.90 -9.78 -3.00
CA CYS D 54 -18.16 -10.39 -2.58
C CYS D 54 -19.17 -10.18 -3.70
N ALA D 55 -20.20 -11.03 -3.70
CA ALA D 55 -21.34 -10.85 -4.58
C ALA D 55 -22.50 -10.25 -3.81
N ALA D 56 -23.58 -9.95 -4.52
CA ALA D 56 -24.73 -9.32 -3.90
C ALA D 56 -25.95 -9.52 -4.77
N LYS D 57 -27.01 -10.10 -4.21
CA LYS D 57 -28.35 -10.04 -4.78
C LYS D 57 -29.08 -8.82 -4.22
N ALA D 58 -30.09 -8.36 -4.96
CA ALA D 58 -30.75 -7.13 -4.54
C ALA D 58 -32.15 -7.04 -5.13
N LEU D 59 -33.04 -6.37 -4.40
CA LEU D 59 -34.29 -5.90 -4.97
C LEU D 59 -34.06 -4.59 -5.70
N ILE D 60 -34.74 -4.40 -6.83
CA ILE D 60 -34.65 -3.19 -7.62
C ILE D 60 -36.06 -2.73 -7.97
N ASP D 61 -36.36 -1.47 -7.65
CA ASP D 61 -37.58 -0.83 -8.12
C ASP D 61 -37.33 -0.40 -9.56
N ARG D 62 -37.79 -1.22 -10.51
CA ARG D 62 -37.46 -0.98 -11.91
C ARG D 62 -38.01 0.34 -12.41
N GLN D 63 -39.19 0.73 -11.93
CA GLN D 63 -39.82 1.98 -12.34
C GLN D 63 -39.22 3.19 -11.65
N SER D 64 -38.25 2.99 -10.75
CA SER D 64 -37.58 4.10 -10.07
C SER D 64 -36.07 3.93 -10.13
N GLY D 65 -35.60 2.69 -10.27
CA GLY D 65 -34.17 2.41 -10.25
C GLY D 65 -33.57 2.32 -8.86
N GLU D 66 -34.31 2.69 -7.82
CA GLU D 66 -33.77 2.72 -6.47
C GLU D 66 -33.56 1.30 -5.93
N LEU D 67 -32.45 1.12 -5.21
CA LEU D 67 -32.17 -0.15 -4.56
C LEU D 67 -33.02 -0.27 -3.29
N ILE D 68 -33.72 -1.40 -3.16
CA ILE D 68 -34.65 -1.62 -2.07
C ILE D 68 -34.02 -2.47 -0.96
N GLY D 69 -33.29 -3.52 -1.33
CA GLY D 69 -32.61 -4.34 -0.36
C GLY D 69 -31.36 -4.96 -0.93
N ILE D 70 -30.30 -5.05 -0.11
CA ILE D 70 -29.04 -5.65 -0.53
C ILE D 70 -28.80 -6.91 0.29
N CYS D 71 -28.03 -7.82 -0.28
CA CYS D 71 -27.71 -9.08 0.39
C CYS D 71 -26.32 -9.53 -0.05
N THR D 72 -25.34 -9.39 0.84
CA THR D 72 -23.96 -9.73 0.53
C THR D 72 -23.63 -11.15 0.96
N PHE D 73 -22.65 -11.75 0.28
CA PHE D 73 -22.18 -13.08 0.63
C PHE D 73 -20.85 -13.32 -0.07
N THR D 74 -20.09 -14.26 0.49
CA THR D 74 -18.77 -14.58 -0.04
C THR D 74 -18.40 -16.00 0.36
N ALA D 75 -17.40 -16.55 -0.33
CA ALA D 75 -16.90 -17.88 -0.01
C ALA D 75 -16.11 -17.84 1.29
N TYR D 76 -16.48 -18.70 2.23
CA TYR D 76 -15.89 -18.69 3.56
C TYR D 76 -15.65 -20.12 4.02
N SER D 77 -14.81 -20.27 5.04
CA SER D 77 -14.54 -21.57 5.65
C SER D 77 -14.23 -21.37 7.12
N LEU D 78 -14.73 -22.28 7.96
CA LEU D 78 -14.55 -22.20 9.39
C LEU D 78 -14.14 -23.57 9.94
N GLU D 79 -13.58 -23.54 11.14
CA GLU D 79 -13.08 -24.76 11.78
C GLU D 79 -14.22 -25.67 12.19
N LYS D 80 -13.88 -26.96 12.35
CA LYS D 80 -14.88 -27.94 12.77
C LYS D 80 -15.30 -27.73 14.22
N GLN D 81 -14.43 -27.15 15.04
CA GLN D 81 -14.76 -26.90 16.43
C GLN D 81 -15.91 -25.92 16.58
N ARG D 82 -16.07 -25.01 15.61
CA ARG D 82 -17.11 -23.99 15.72
C ARG D 82 -18.50 -24.59 15.56
N VAL D 83 -18.62 -25.71 14.85
CA VAL D 83 -19.93 -26.15 14.37
C VAL D 83 -20.14 -27.63 14.65
N SER D 84 -19.29 -28.23 15.49
CA SER D 84 -19.47 -29.66 15.80
C SER D 84 -20.48 -29.84 16.93
N GLY D 85 -21.61 -29.14 16.80
CA GLY D 85 -22.78 -29.36 17.62
C GLY D 85 -24.02 -29.22 16.77
N VAL D 86 -23.81 -29.01 15.47
CA VAL D 86 -24.91 -28.79 14.54
C VAL D 86 -24.97 -29.87 13.47
N LEU D 87 -23.82 -30.25 12.90
CA LEU D 87 -23.79 -31.17 11.78
C LEU D 87 -23.67 -32.62 12.24
N GLN D 88 -24.23 -33.51 11.45
CA GLN D 88 -24.26 -34.94 11.77
C GLN D 88 -23.00 -35.61 11.23
N GLY D 89 -22.33 -36.38 12.08
CA GLY D 89 -21.16 -37.11 11.68
C GLY D 89 -19.87 -36.39 11.96
N SER D 90 -18.79 -36.94 11.41
CA SER D 90 -17.45 -36.38 11.55
C SER D 90 -17.07 -35.70 10.24
N GLN D 91 -16.69 -34.44 10.32
CA GLN D 91 -16.42 -33.61 9.16
C GLN D 91 -14.94 -33.21 9.13
N PRO D 92 -14.44 -32.73 7.99
CA PRO D 92 -13.05 -32.25 7.95
C PRO D 92 -12.82 -31.10 8.90
N SER D 93 -11.55 -30.84 9.19
CA SER D 93 -11.18 -29.78 10.13
C SER D 93 -11.66 -28.41 9.66
N GLU D 94 -11.93 -28.24 8.38
CA GLU D 94 -12.37 -26.97 7.82
C GLU D 94 -13.40 -27.24 6.74
N ILE D 95 -14.56 -26.61 6.85
CA ILE D 95 -15.69 -26.86 5.96
C ILE D 95 -15.94 -25.63 5.10
N GLY D 96 -16.29 -25.86 3.84
CA GLY D 96 -16.64 -24.77 2.94
C GLY D 96 -18.06 -24.30 3.20
N VAL D 97 -18.22 -22.99 3.34
CA VAL D 97 -19.50 -22.38 3.70
C VAL D 97 -19.67 -21.09 2.91
N VAL D 98 -20.92 -20.66 2.78
CA VAL D 98 -21.26 -19.39 2.14
C VAL D 98 -21.73 -18.45 3.24
N ARG D 99 -20.89 -17.47 3.57
CA ARG D 99 -21.18 -16.54 4.65
C ARG D 99 -21.99 -15.37 4.12
N LEU D 100 -23.25 -15.27 4.56
CA LEU D 100 -24.04 -14.06 4.33
C LEU D 100 -23.56 -12.99 5.30
N VAL D 101 -22.85 -12.00 4.78
CA VAL D 101 -22.29 -10.98 5.67
C VAL D 101 -23.35 -9.96 6.06
N MET D 102 -24.04 -9.38 5.08
CA MET D 102 -25.05 -8.38 5.33
C MET D 102 -26.31 -8.68 4.54
N LEU D 103 -27.46 -8.34 5.11
CA LEU D 103 -28.72 -8.33 4.39
C LEU D 103 -29.52 -7.16 4.97
N GLY D 104 -29.56 -6.06 4.24
CA GLY D 104 -30.22 -4.87 4.71
C GLY D 104 -31.33 -4.37 3.82
N VAL D 105 -32.52 -4.19 4.39
CA VAL D 105 -33.67 -3.66 3.68
C VAL D 105 -33.83 -2.18 4.00
N ALA D 106 -34.19 -1.39 2.99
CA ALA D 106 -34.44 0.02 3.21
C ALA D 106 -35.72 0.21 4.03
N ARG D 107 -35.66 1.15 4.97
CA ARG D 107 -36.80 1.36 5.87
C ARG D 107 -38.04 1.83 5.12
N LYS D 108 -37.87 2.47 3.96
CA LYS D 108 -39.02 2.87 3.16
C LYS D 108 -39.84 1.66 2.74
N TYR D 109 -39.22 0.49 2.59
CA TYR D 109 -39.89 -0.72 2.15
C TYR D 109 -39.93 -1.79 3.24
N GLN D 110 -39.74 -1.40 4.50
CA GLN D 110 -39.84 -2.36 5.59
C GLN D 110 -41.30 -2.65 5.90
N LYS D 111 -41.53 -3.57 6.84
CA LYS D 111 -42.86 -4.07 7.21
C LYS D 111 -43.58 -4.73 6.03
N ARG D 112 -42.87 -5.01 4.95
CA ARG D 112 -43.47 -5.61 3.76
C ARG D 112 -43.07 -7.06 3.55
N GLY D 113 -42.14 -7.58 4.33
CA GLY D 113 -41.64 -8.93 4.12
C GLY D 113 -40.63 -9.06 3.01
N PHE D 114 -39.98 -7.96 2.62
CA PHE D 114 -39.00 -8.02 1.54
C PHE D 114 -37.69 -8.64 1.96
N ASP D 115 -37.32 -8.53 3.24
CA ASP D 115 -36.09 -9.15 3.72
C ASP D 115 -36.16 -10.66 3.58
N GLN D 116 -37.34 -11.24 3.79
CA GLN D 116 -37.52 -12.68 3.54
C GLN D 116 -37.46 -12.96 2.04
N ASP D 117 -37.99 -12.04 1.22
CA ASP D 117 -37.97 -12.24 -0.23
C ASP D 117 -36.55 -12.29 -0.77
N LEU D 118 -35.66 -11.46 -0.23
CA LEU D 118 -34.26 -11.56 -0.61
C LEU D 118 -33.60 -12.81 -0.04
N LEU D 119 -34.06 -13.26 1.14
CA LEU D 119 -33.49 -14.47 1.71
C LEU D 119 -33.80 -15.69 0.85
N CYS D 120 -35.02 -15.78 0.32
CA CYS D 120 -35.36 -16.89 -0.56
C CYS D 120 -34.58 -16.80 -1.86
N ASP D 121 -34.44 -15.60 -2.42
CA ASP D 121 -33.58 -15.42 -3.60
C ASP D 121 -32.14 -15.82 -3.28
N PHE D 122 -31.67 -15.46 -2.10
CA PHE D 122 -30.34 -15.90 -1.66
C PHE D 122 -30.28 -17.41 -1.54
N PHE D 123 -31.31 -18.02 -0.95
CA PHE D 123 -31.36 -19.47 -0.85
C PHE D 123 -31.42 -20.11 -2.23
N GLU D 124 -32.24 -19.55 -3.13
CA GLU D 124 -32.29 -20.06 -4.51
C GLU D 124 -30.91 -19.97 -5.16
N HIS D 125 -30.18 -18.88 -4.88
CA HIS D 125 -28.86 -18.70 -5.49
C HIS D 125 -27.81 -19.58 -4.82
N VAL D 126 -27.92 -19.78 -3.50
CA VAL D 126 -26.94 -20.60 -2.79
C VAL D 126 -26.94 -22.02 -3.33
N LYS D 127 -28.12 -22.57 -3.59
CA LYS D 127 -28.20 -23.92 -4.12
C LYS D 127 -27.55 -24.03 -5.50
N ILE D 128 -27.50 -22.92 -6.25
CA ILE D 128 -26.76 -22.92 -7.51
C ILE D 128 -25.27 -23.06 -7.25
N ILE D 129 -24.78 -22.45 -6.17
CA ILE D 129 -23.38 -22.62 -5.80
C ILE D 129 -23.12 -24.04 -5.32
N HIS D 130 -24.07 -24.61 -4.59
CA HIS D 130 -23.92 -25.99 -4.12
C HIS D 130 -23.79 -26.96 -5.28
N GLN D 131 -24.55 -26.73 -6.36
CA GLN D 131 -24.54 -27.62 -7.51
C GLN D 131 -23.37 -27.36 -8.46
N ALA D 132 -22.39 -26.54 -8.03
CA ALA D 132 -21.16 -26.36 -8.78
C ALA D 132 -19.96 -26.50 -7.85
N LEU D 133 -20.16 -26.20 -6.58
CA LEU D 133 -19.15 -26.29 -5.53
C LEU D 133 -19.82 -26.72 -4.24
N PRO D 134 -19.68 -27.97 -3.83
CA PRO D 134 -20.41 -28.46 -2.65
C PRO D 134 -20.12 -27.63 -1.41
N ILE D 135 -21.19 -27.15 -0.79
CA ILE D 135 -21.12 -26.25 0.35
C ILE D 135 -21.91 -26.89 1.48
N LYS D 136 -21.36 -26.83 2.70
CA LYS D 136 -22.01 -27.45 3.85
C LYS D 136 -23.21 -26.67 4.35
N GLY D 137 -23.26 -25.35 4.11
CA GLY D 137 -24.40 -24.57 4.57
C GLY D 137 -24.16 -23.08 4.42
N VAL D 138 -24.83 -22.31 5.28
CA VAL D 138 -24.72 -20.86 5.29
C VAL D 138 -24.35 -20.41 6.69
N TYR D 139 -23.33 -19.57 6.79
CA TYR D 139 -22.88 -19.00 8.05
C TYR D 139 -23.18 -17.51 8.09
N LEU D 140 -23.41 -16.98 9.29
CA LEU D 140 -23.67 -15.56 9.44
C LEU D 140 -23.41 -15.14 10.88
N ASP D 141 -23.16 -13.85 11.05
CA ASP D 141 -23.02 -13.22 12.36
C ASP D 141 -24.24 -12.33 12.55
N ALA D 142 -25.22 -12.81 13.32
CA ALA D 142 -26.49 -12.12 13.48
C ALA D 142 -26.34 -10.97 14.47
N ASP D 143 -26.55 -9.74 14.00
CA ASP D 143 -26.54 -8.59 14.89
C ASP D 143 -27.60 -8.78 15.99
N PRO D 144 -27.40 -8.16 17.15
CA PRO D 144 -28.33 -8.38 18.27
C PRO D 144 -29.78 -8.00 17.99
N ALA D 145 -30.05 -7.49 16.78
CA ALA D 145 -31.41 -7.11 16.38
C ALA D 145 -32.13 -8.20 15.59
N ALA D 146 -31.43 -8.90 14.70
CA ALA D 146 -32.08 -9.74 13.70
C ALA D 146 -31.76 -11.22 13.88
N ILE D 147 -31.58 -11.68 15.11
CA ILE D 147 -31.37 -13.11 15.33
C ILE D 147 -32.66 -13.89 15.15
N ASN D 148 -33.73 -13.45 15.83
CA ASN D 148 -35.02 -14.11 15.71
C ASN D 148 -35.56 -14.05 14.29
N PHE D 149 -35.05 -13.14 13.45
CA PHE D 149 -35.32 -13.22 12.02
C PHE D 149 -34.80 -14.54 11.45
N TYR D 150 -33.48 -14.72 11.49
CA TYR D 150 -32.90 -15.95 10.93
C TYR D 150 -33.37 -17.18 11.70
N ALA D 151 -33.67 -17.04 12.99
CA ALA D 151 -34.03 -18.19 13.80
C ALA D 151 -35.33 -18.83 13.33
N ARG D 152 -36.33 -18.03 12.97
CA ARG D 152 -37.61 -18.58 12.55
C ARG D 152 -37.52 -19.31 11.22
N LEU D 153 -36.50 -19.03 10.40
CA LEU D 153 -36.37 -19.62 9.08
C LEU D 153 -35.37 -20.78 9.04
N GLY D 154 -35.25 -21.51 10.15
CA GLY D 154 -34.46 -22.73 10.17
C GLY D 154 -33.09 -22.60 10.79
N PHE D 155 -32.59 -21.37 10.98
CA PHE D 155 -31.23 -21.21 11.48
C PHE D 155 -31.15 -21.58 12.96
N VAL D 156 -29.92 -21.86 13.40
CA VAL D 156 -29.63 -22.12 14.81
C VAL D 156 -28.43 -21.28 15.20
N GLN D 157 -28.39 -20.86 16.46
CA GLN D 157 -27.26 -20.10 16.97
C GLN D 157 -26.26 -21.03 17.63
N LEU D 158 -24.99 -20.64 17.58
CA LEU D 158 -23.91 -21.50 18.04
C LEU D 158 -23.39 -21.14 19.43
N SER D 159 -23.38 -19.86 19.78
CA SER D 159 -22.86 -19.41 21.06
C SER D 159 -23.78 -18.33 21.61
N ALA D 160 -23.58 -18.00 22.88
CA ALA D 160 -24.32 -16.94 23.54
C ALA D 160 -23.52 -15.65 23.66
N THR D 161 -22.27 -15.64 23.20
CA THR D 161 -21.43 -14.47 23.34
C THR D 161 -21.11 -13.86 21.97
N PRO D 162 -20.89 -12.55 21.91
CA PRO D 162 -20.58 -11.90 20.63
C PRO D 162 -19.30 -12.45 20.02
N ASN D 163 -19.26 -12.46 18.69
CA ASN D 163 -18.06 -12.90 17.98
C ASN D 163 -16.90 -11.97 18.30
N ALA D 164 -16.96 -10.74 17.79
CA ALA D 164 -16.12 -9.65 18.28
C ALA D 164 -16.85 -8.32 18.38
N PHE D 165 -17.93 -8.10 17.63
CA PHE D 165 -18.53 -6.78 17.47
C PHE D 165 -19.98 -6.74 17.91
N GLY D 166 -20.45 -7.75 18.66
CA GLY D 166 -21.80 -7.79 19.19
C GLY D 166 -22.69 -8.85 18.56
N ALA D 167 -22.41 -9.24 17.32
CA ALA D 167 -23.26 -10.20 16.63
C ALA D 167 -23.09 -11.60 17.22
N VAL D 168 -23.93 -12.52 16.77
CA VAL D 168 -23.88 -13.91 17.26
C VAL D 168 -23.80 -14.86 16.07
N PRO D 169 -22.91 -15.85 16.10
CA PRO D 169 -22.78 -16.76 14.95
C PRO D 169 -23.97 -17.69 14.82
N MET D 170 -24.43 -17.85 13.59
CA MET D 170 -25.53 -18.74 13.26
C MET D 170 -25.14 -19.60 12.06
N PHE D 171 -25.91 -20.67 11.85
CA PHE D 171 -25.63 -21.60 10.76
C PHE D 171 -26.90 -22.35 10.39
N LEU D 172 -27.02 -22.70 9.12
CA LEU D 172 -28.11 -23.52 8.62
C LEU D 172 -27.54 -24.54 7.63
N ALA D 173 -27.78 -25.82 7.90
CA ALA D 173 -27.26 -26.87 7.04
C ALA D 173 -27.88 -26.79 5.65
N ILE D 174 -27.09 -27.17 4.65
CA ILE D 174 -27.55 -27.08 3.26
C ILE D 174 -28.69 -28.07 2.98
N GLN D 175 -28.78 -29.16 3.74
CA GLN D 175 -29.86 -30.11 3.54
C GLN D 175 -31.22 -29.48 3.82
N HIS D 176 -31.29 -28.57 4.80
CA HIS D 176 -32.55 -27.92 5.11
C HIS D 176 -32.90 -26.84 4.09
N ILE D 177 -31.89 -26.12 3.58
CA ILE D 177 -32.15 -25.13 2.54
C ILE D 177 -32.73 -25.79 1.31
N LEU D 178 -32.09 -26.88 0.85
CA LEU D 178 -32.61 -27.61 -0.30
C LEU D 178 -34.00 -28.15 -0.05
N ALA D 179 -34.33 -28.46 1.21
CA ALA D 179 -35.68 -28.92 1.53
C ALA D 179 -36.65 -27.75 1.63
N ALA D 180 -36.19 -26.60 2.13
CA ALA D 180 -37.05 -25.43 2.21
C ALA D 180 -37.43 -24.91 0.83
N LEU D 181 -36.54 -25.08 -0.16
CA LEU D 181 -36.86 -24.68 -1.53
C LEU D 181 -37.87 -25.60 -2.19
N GLU D 182 -38.04 -26.82 -1.65
CA GLU D 182 -39.04 -27.73 -2.20
C GLU D 182 -40.46 -27.31 -1.83
N HIS D 183 -40.61 -26.63 -0.69
CA HIS D 183 -41.92 -26.18 -0.17
C HIS D 183 -43.03 -27.21 -0.35
#